data_1PJ6
#
_entry.id   1PJ6
#
_cell.length_a   70.877
_cell.length_b   222.506
_cell.length_c   119.304
_cell.angle_alpha   90.00
_cell.angle_beta   90.00
_cell.angle_gamma   90.00
#
_symmetry.space_group_name_H-M   'C 2 2 2'
#
loop_
_entity.id
_entity.type
_entity.pdbx_description
1 polymer 'N,N-dimethylglycine oxidase'
2 non-polymer 'SODIUM ION'
3 non-polymer 'FOLIC ACID'
4 non-polymer 'FLAVIN-ADENINE DINUCLEOTIDE'
5 water water
#
_entity_poly.entity_id   1
_entity_poly.type   'polypeptide(L)'
_entity_poly.pdbx_seq_one_letter_code
;MASTPRIVIIGAGIVGTNLADELVTRGWNNITVLDQGPLNMPGGSTSHAPGLVFQTNPSKTMASFAKYTVEKLLSLTEDG
VSCFNQVGGLEVATTETRLADLKRKLGYAAAWGIEGRLLSPAECQELYPLLDGENILGGLHVPSDGLASAARAVQLLIKR
TESAGVTYRGSTTVTGIEQSGGRVTGVQTADGVIPADIVVSCAGFWGAKIGAMIGMAVPLLPLAHQYVKTTPVPAQQGRN
DQPNGARLPILRHQDQDLYYREHGDRYGIGSYAHRPMPVDVDTLGAYAPETVSEHHMPSRLDFTLEDFLPAWEATKQLLP
ALADSEIEDGFNGIFSFTPDGGPLLGESKELDGFYVAEAVWVTHSAGVAKAMAELLTTGRSETDLGECDITRFEDVQLTP
EYVSETSQQNFVEIYDVLHPLQPRLSPRNLRVSPFHARHKELGAFFLEAGGWERPYWFEANAALLKEMPAEWLPPARDAW
SGMFSSPIAAAEAWKTRTAVAMYDMTPLKRLEVSGPGALKLLQELTTADLAKKPGAVTYTLLLDHAGGVRSDITVARLSE
DTFQLGANGNIDTAYFERAARHQTQSGSATDWVQVRDTTGGTCCIGLWGPLARDLVSKVSDDDFTNDGLKYFRAKNVVIG
GIPVTAMRLSYVGELGWELYTSADNGQRLWDALWQAGQPFGVIAAGRAAFSSLRLEKGYRSWGTDMTTEHDPFEAGLGFA
VKMAKESFIGKGALEGRTEEASARRLRCLTIDDGRSIVLGKEPVFYKEQAVGYVTSAAYGYTVAKPIAYSYLPGTVSVGD
SVDIEYFGRRITATVTEDPLYDPKMTRLRG
;
_entity_poly.pdbx_strand_id   A
#
loop_
_chem_comp.id
_chem_comp.type
_chem_comp.name
_chem_comp.formula
FAD non-polymer 'FLAVIN-ADENINE DINUCLEOTIDE' 'C27 H33 N9 O15 P2'
FOL non-polymer 'FOLIC ACID' 'C19 H19 N7 O6'
NA non-polymer 'SODIUM ION' 'Na 1'
#
# COMPACT_ATOMS: atom_id res chain seq x y z
N SER A 3 20.06 -24.92 -15.12
CA SER A 3 19.19 -24.92 -13.93
C SER A 3 18.83 -23.54 -13.44
N THR A 4 19.45 -22.52 -14.03
CA THR A 4 19.18 -21.09 -13.73
C THR A 4 18.50 -20.48 -14.97
N PRO A 5 17.46 -19.66 -14.80
CA PRO A 5 16.82 -19.01 -15.94
C PRO A 5 17.73 -17.97 -16.61
N ARG A 6 17.51 -17.73 -17.91
CA ARG A 6 18.22 -16.69 -18.66
C ARG A 6 17.47 -15.39 -18.29
N ILE A 7 18.18 -14.44 -17.68
CA ILE A 7 17.54 -13.18 -17.20
C ILE A 7 18.09 -11.99 -17.98
N VAL A 8 17.18 -11.13 -18.45
CA VAL A 8 17.58 -9.84 -18.98
C VAL A 8 17.00 -8.79 -18.05
N ILE A 9 17.86 -7.90 -17.58
CA ILE A 9 17.41 -6.71 -16.86
C ILE A 9 17.50 -5.50 -17.78
N ILE A 10 16.37 -4.76 -17.92
CA ILE A 10 16.42 -3.53 -18.73
C ILE A 10 16.66 -2.38 -17.82
N GLY A 11 17.85 -1.78 -17.93
CA GLY A 11 18.19 -0.63 -17.11
C GLY A 11 19.34 -0.87 -16.15
N ALA A 12 20.38 -0.08 -16.29
CA ALA A 12 21.52 -0.08 -15.37
C ALA A 12 21.52 1.16 -14.48
N GLY A 13 20.33 1.48 -13.96
CA GLY A 13 20.25 2.46 -12.90
C GLY A 13 20.52 1.80 -11.53
N ILE A 14 20.23 2.54 -10.48
CA ILE A 14 20.45 2.04 -9.13
C ILE A 14 19.53 0.81 -8.88
N VAL A 15 18.35 0.75 -9.51
CA VAL A 15 17.49 -0.45 -9.30
C VAL A 15 18.04 -1.67 -10.03
N GLY A 16 18.28 -1.53 -11.35
CA GLY A 16 18.70 -2.68 -12.15
C GLY A 16 20.01 -3.29 -11.69
N THR A 17 20.98 -2.43 -11.30
CA THR A 17 22.25 -2.97 -10.86
C THR A 17 22.16 -3.59 -9.50
N ASN A 18 21.41 -2.98 -8.58
CA ASN A 18 21.15 -3.68 -7.30
C ASN A 18 20.45 -5.01 -7.48
N LEU A 19 19.54 -5.09 -8.44
CA LEU A 19 18.80 -6.33 -8.67
C LEU A 19 19.75 -7.42 -9.18
N ALA A 20 20.63 -7.07 -10.13
CA ALA A 20 21.62 -8.05 -10.62
C ALA A 20 22.44 -8.56 -9.45
N ASP A 21 22.87 -7.66 -8.59
CA ASP A 21 23.69 -7.98 -7.43
C ASP A 21 22.96 -8.91 -6.43
N GLU A 22 21.71 -8.59 -6.14
CA GLU A 22 20.90 -9.41 -5.24
C GLU A 22 20.60 -10.81 -5.83
N LEU A 23 20.54 -10.91 -7.16
CA LEU A 23 20.33 -12.20 -7.82
C LEU A 23 21.61 -13.01 -7.73
N VAL A 24 22.74 -12.36 -8.03
CA VAL A 24 24.06 -13.03 -7.95
C VAL A 24 24.31 -13.63 -6.57
N THR A 25 24.00 -12.90 -5.50
CA THR A 25 24.35 -13.42 -4.16
C THR A 25 23.42 -14.58 -3.81
N ARG A 26 22.30 -14.71 -4.50
CA ARG A 26 21.39 -15.82 -4.32
C ARG A 26 21.70 -16.96 -5.28
N GLY A 27 22.82 -16.85 -5.98
CA GLY A 27 23.29 -17.88 -6.90
C GLY A 27 22.81 -17.87 -8.32
N TRP A 28 22.08 -16.83 -8.74
CA TRP A 28 21.63 -16.69 -10.12
C TRP A 28 22.48 -15.63 -10.82
N ASN A 29 23.34 -16.08 -11.72
CA ASN A 29 24.21 -15.15 -12.40
C ASN A 29 24.10 -15.15 -13.93
N ASN A 30 23.16 -15.90 -14.51
CA ASN A 30 22.97 -15.85 -15.98
C ASN A 30 22.13 -14.64 -16.32
N ILE A 31 22.76 -13.47 -16.22
CA ILE A 31 22.04 -12.17 -16.32
C ILE A 31 22.72 -11.30 -17.36
N THR A 32 21.91 -10.67 -18.21
CA THR A 32 22.40 -9.64 -19.13
C THR A 32 21.69 -8.36 -18.76
N VAL A 33 22.46 -7.34 -18.40
CA VAL A 33 21.86 -6.01 -18.09
C VAL A 33 22.06 -5.10 -19.32
N LEU A 34 20.98 -4.49 -19.78
CA LEU A 34 21.01 -3.65 -20.97
C LEU A 34 20.78 -2.18 -20.59
N ASP A 35 21.50 -1.26 -21.24
CA ASP A 35 21.16 0.16 -21.08
C ASP A 35 21.44 0.88 -22.38
N GLN A 36 20.54 1.79 -22.78
CA GLN A 36 20.72 2.60 -24.00
C GLN A 36 21.84 3.65 -23.81
N GLY A 37 22.13 4.00 -22.56
CA GLY A 37 23.21 4.93 -22.26
C GLY A 37 24.54 4.22 -22.13
N PRO A 38 25.63 4.99 -22.01
CA PRO A 38 26.95 4.41 -21.82
C PRO A 38 27.09 3.85 -20.39
N LEU A 39 27.73 2.70 -20.23
CA LEU A 39 27.83 2.12 -18.87
C LEU A 39 28.48 3.02 -17.86
N ASN A 40 29.42 3.86 -18.27
CA ASN A 40 30.11 4.71 -17.30
C ASN A 40 29.25 5.84 -16.77
N MET A 41 28.13 6.15 -17.44
CA MET A 41 27.18 7.20 -16.96
C MET A 41 25.87 7.01 -17.71
N PRO A 42 25.04 6.04 -17.29
CA PRO A 42 23.85 5.69 -18.09
C PRO A 42 22.92 6.82 -18.46
N GLY A 43 22.69 7.76 -17.54
CA GLY A 43 21.94 8.96 -17.92
C GLY A 43 20.47 8.98 -17.60
N GLY A 44 19.99 7.95 -16.92
CA GLY A 44 18.67 8.01 -16.28
C GLY A 44 18.72 8.82 -14.96
N SER A 45 17.65 8.75 -14.14
CA SER A 45 17.53 9.61 -12.97
C SER A 45 18.66 9.36 -11.98
N THR A 46 19.17 8.13 -11.94
CA THR A 46 20.23 7.84 -11.00
C THR A 46 21.45 8.73 -11.23
N SER A 47 21.68 9.05 -12.49
CA SER A 47 22.85 9.84 -12.90
C SER A 47 22.73 11.32 -12.52
N HIS A 48 21.60 11.74 -11.94
CA HIS A 48 21.50 13.10 -11.38
C HIS A 48 21.02 13.20 -9.94
N ALA A 49 20.81 12.08 -9.27
CA ALA A 49 20.22 12.10 -7.94
C ALA A 49 21.17 12.64 -6.88
N PRO A 50 20.71 13.57 -6.06
CA PRO A 50 21.54 14.09 -4.97
C PRO A 50 21.69 13.10 -3.79
N GLY A 51 20.79 12.12 -3.69
CA GLY A 51 21.03 11.03 -2.74
C GLY A 51 20.55 11.20 -1.34
N LEU A 52 19.61 12.11 -1.07
CA LEU A 52 19.12 12.18 0.29
C LEU A 52 18.30 10.95 0.63
N VAL A 53 18.63 10.34 1.77
CA VAL A 53 17.95 9.15 2.22
C VAL A 53 17.37 9.40 3.60
N PHE A 54 16.04 9.57 3.67
CA PHE A 54 15.28 9.70 4.91
C PHE A 54 14.52 8.38 5.07
N GLN A 55 14.86 7.62 6.10
CA GLN A 55 14.27 6.29 6.29
C GLN A 55 12.82 6.30 6.80
N THR A 56 12.51 7.23 7.71
CA THR A 56 11.19 7.24 8.37
C THR A 56 10.13 7.49 7.30
N ASN A 57 9.05 6.75 7.39
CA ASN A 57 8.03 6.71 6.35
C ASN A 57 6.78 6.17 7.04
N PRO A 58 5.57 6.58 6.61
CA PRO A 58 4.34 5.96 7.14
C PRO A 58 4.23 4.48 6.77
N SER A 59 4.91 4.07 5.70
CA SER A 59 4.84 2.66 5.25
C SER A 59 5.92 1.83 5.89
N LYS A 60 5.50 0.79 6.60
CA LYS A 60 6.43 -0.18 7.18
C LYS A 60 7.37 -0.78 6.10
N THR A 61 6.78 -1.16 4.98
CA THR A 61 7.57 -1.74 3.88
C THR A 61 8.59 -0.75 3.33
N MET A 62 8.14 0.48 3.08
CA MET A 62 9.07 1.47 2.55
C MET A 62 10.18 1.79 3.57
N ALA A 63 9.82 1.85 4.85
CA ALA A 63 10.84 2.10 5.87
C ALA A 63 11.86 0.97 5.87
N SER A 64 11.40 -0.27 5.78
CA SER A 64 12.33 -1.41 5.74
C SER A 64 13.25 -1.38 4.51
N PHE A 65 12.71 -1.01 3.35
CA PHE A 65 13.50 -0.86 2.14
C PHE A 65 14.58 0.19 2.35
N ALA A 66 14.24 1.28 3.03
CA ALA A 66 15.21 2.34 3.25
C ALA A 66 16.27 1.90 4.22
N LYS A 67 15.89 1.17 5.25
CA LYS A 67 16.90 0.73 6.25
C LYS A 67 17.90 -0.22 5.58
N TYR A 68 17.39 -1.06 4.69
CA TYR A 68 18.28 -1.97 3.95
C TYR A 68 19.21 -1.21 3.00
N THR A 69 18.67 -0.18 2.33
CA THR A 69 19.50 0.62 1.42
C THR A 69 20.67 1.29 2.20
N VAL A 70 20.36 1.83 3.39
CA VAL A 70 21.40 2.42 4.25
C VAL A 70 22.46 1.37 4.58
N GLU A 71 22.03 0.22 5.06
CA GLU A 71 22.95 -0.85 5.43
C GLU A 71 23.80 -1.27 4.21
N LYS A 72 23.14 -1.44 3.06
CA LYS A 72 23.85 -1.98 1.91
C LYS A 72 24.87 -0.95 1.40
N LEU A 73 24.46 0.32 1.30
CA LEU A 73 25.35 1.33 0.76
C LEU A 73 26.52 1.60 1.68
N LEU A 74 26.33 1.46 2.99
CA LEU A 74 27.46 1.53 3.94
C LEU A 74 28.50 0.44 3.67
N SER A 75 28.03 -0.71 3.26
CA SER A 75 28.85 -1.92 3.02
C SER A 75 29.55 -1.91 1.66
N LEU A 76 29.07 -1.09 0.74
CA LEU A 76 29.53 -1.12 -0.62
C LEU A 76 30.68 -0.13 -0.71
N THR A 77 31.91 -0.66 -0.75
CA THR A 77 33.06 0.20 -0.59
C THR A 77 34.22 -0.15 -1.54
N GLU A 78 35.10 0.83 -1.77
CA GLU A 78 36.32 0.62 -2.55
C GLU A 78 37.33 1.69 -2.16
N ASP A 79 38.62 1.33 -2.07
CA ASP A 79 39.66 2.30 -1.67
C ASP A 79 39.30 2.98 -0.34
N GLY A 80 38.62 2.23 0.51
CA GLY A 80 38.24 2.69 1.85
C GLY A 80 37.09 3.71 1.95
N VAL A 81 36.35 3.89 0.86
CA VAL A 81 35.27 4.89 0.82
C VAL A 81 33.97 4.17 0.44
N SER A 82 32.95 4.24 1.30
CA SER A 82 31.68 3.55 1.00
C SER A 82 30.80 4.40 0.09
N CYS A 83 29.59 3.91 -0.16
CA CYS A 83 28.62 4.68 -0.93
C CYS A 83 27.55 5.33 -0.06
N PHE A 84 27.81 5.45 1.24
CA PHE A 84 26.87 6.14 2.14
C PHE A 84 27.60 7.04 3.13
N ASN A 85 27.22 8.32 3.15
CA ASN A 85 27.80 9.25 4.09
C ASN A 85 26.75 9.52 5.16
N GLN A 86 26.93 8.88 6.31
CA GLN A 86 25.90 8.83 7.33
C GLN A 86 25.90 10.09 8.22
N VAL A 87 25.51 11.20 7.63
CA VAL A 87 25.45 12.50 8.28
C VAL A 87 24.23 12.67 9.17
N GLY A 88 23.26 11.75 9.05
CA GLY A 88 22.01 11.94 9.78
C GLY A 88 21.06 12.78 8.95
N GLY A 89 19.84 12.98 9.46
CA GLY A 89 18.81 13.70 8.72
C GLY A 89 18.02 14.51 9.72
N LEU A 90 17.65 15.73 9.34
CA LEU A 90 16.86 16.61 10.20
C LEU A 90 15.69 17.16 9.36
N GLU A 91 14.47 16.92 9.83
CA GLU A 91 13.28 17.56 9.26
C GLU A 91 12.88 18.66 10.23
N VAL A 92 12.79 19.90 9.77
CA VAL A 92 12.35 21.00 10.60
C VAL A 92 10.92 21.40 10.39
N ALA A 93 10.32 21.94 11.45
CA ALA A 93 8.94 22.43 11.42
C ALA A 93 8.92 23.95 11.55
N THR A 94 8.21 24.63 10.64
CA THR A 94 8.01 26.08 10.83
C THR A 94 6.58 26.48 11.12
N THR A 95 5.70 25.48 11.19
CA THR A 95 4.29 25.65 11.53
C THR A 95 3.92 24.67 12.62
N GLU A 96 2.85 25.00 13.35
CA GLU A 96 2.36 24.14 14.41
C GLU A 96 1.82 22.84 13.84
N THR A 97 1.25 22.90 12.65
CA THR A 97 0.77 21.69 11.98
C THR A 97 1.92 20.73 11.72
N ARG A 98 3.03 21.29 11.24
CA ARG A 98 4.20 20.47 10.91
C ARG A 98 4.79 19.90 12.20
N LEU A 99 4.81 20.71 13.24
CA LEU A 99 5.39 20.27 14.51
C LEU A 99 4.64 19.05 15.07
N ALA A 100 3.31 19.09 15.01
CA ALA A 100 2.53 17.94 15.46
C ALA A 100 2.84 16.75 14.56
N ASP A 101 2.90 16.97 13.26
CA ASP A 101 3.19 15.80 12.38
C ASP A 101 4.57 15.17 12.66
N LEU A 102 5.55 15.96 13.08
CA LEU A 102 6.84 15.35 13.43
C LEU A 102 6.69 14.41 14.60
N LYS A 103 5.73 14.68 15.51
CA LYS A 103 5.52 13.77 16.64
C LYS A 103 4.94 12.45 16.13
N ARG A 104 4.03 12.54 15.16
CA ARG A 104 3.55 11.32 14.50
C ARG A 104 4.68 10.54 13.82
N LYS A 105 5.58 11.24 13.15
CA LYS A 105 6.68 10.59 12.42
C LYS A 105 7.64 9.96 13.39
N LEU A 106 7.84 10.58 14.56
CA LEU A 106 8.65 9.94 15.61
C LEU A 106 8.03 8.58 16.00
N GLY A 107 6.70 8.51 15.93
CA GLY A 107 6.01 7.25 16.17
C GLY A 107 6.27 6.22 15.10
N TYR A 108 6.23 6.64 13.82
CA TYR A 108 6.61 5.75 12.75
C TYR A 108 8.03 5.20 13.00
N ALA A 109 8.95 6.11 13.31
CA ALA A 109 10.33 5.68 13.57
C ALA A 109 10.38 4.55 14.59
N ALA A 110 9.75 4.74 15.74
CA ALA A 110 9.75 3.67 16.75
C ALA A 110 9.04 2.40 16.26
N ALA A 111 7.93 2.57 15.55
CA ALA A 111 7.24 1.40 15.01
C ALA A 111 8.11 0.55 14.13
N TRP A 112 8.88 1.22 13.25
CA TRP A 112 9.69 0.54 12.23
C TRP A 112 11.13 0.28 12.63
N GLY A 113 11.46 0.56 13.88
CA GLY A 113 12.80 0.27 14.38
C GLY A 113 13.90 1.20 13.89
N ILE A 114 13.59 2.49 13.79
CA ILE A 114 14.54 3.54 13.41
C ILE A 114 14.71 4.50 14.58
N GLU A 115 15.96 4.72 15.02
CA GLU A 115 16.20 5.60 16.17
C GLU A 115 16.13 7.05 15.74
N GLY A 116 15.41 7.85 16.51
CA GLY A 116 15.34 9.29 16.26
C GLY A 116 14.84 10.03 17.48
N ARG A 117 14.88 11.35 17.41
CA ARG A 117 14.52 12.20 18.52
C ARG A 117 13.88 13.47 18.01
N LEU A 118 12.94 14.01 18.79
CA LEU A 118 12.44 15.36 18.54
C LEU A 118 13.36 16.35 19.16
N LEU A 119 13.69 17.39 18.41
CA LEU A 119 14.57 18.44 18.90
C LEU A 119 13.82 19.74 19.13
N SER A 120 14.16 20.43 20.23
CA SER A 120 13.64 21.80 20.44
C SER A 120 14.29 22.78 19.47
N PRO A 121 13.77 24.00 19.36
CA PRO A 121 14.45 25.05 18.59
C PRO A 121 15.94 25.22 18.97
N ALA A 122 16.24 25.24 20.26
CA ALA A 122 17.64 25.35 20.68
C ALA A 122 18.51 24.20 20.21
N GLU A 123 17.98 22.98 20.33
CA GLU A 123 18.71 21.79 19.86
C GLU A 123 18.89 21.78 18.35
N CYS A 124 17.92 22.33 17.61
CA CYS A 124 18.06 22.44 16.16
C CYS A 124 19.21 23.40 15.83
N GLN A 125 19.32 24.48 16.60
CA GLN A 125 20.39 25.47 16.40
C GLN A 125 21.76 24.85 16.61
N GLU A 126 21.86 24.05 17.66
CA GLU A 126 23.11 23.40 18.02
C GLU A 126 23.52 22.42 16.92
N LEU A 127 22.58 21.63 16.40
CA LEU A 127 22.84 20.68 15.31
C LEU A 127 23.09 21.38 13.96
N TYR A 128 22.40 22.48 13.71
CA TYR A 128 22.38 23.08 12.38
C TYR A 128 22.36 24.58 12.53
N PRO A 129 23.48 25.16 12.97
CA PRO A 129 23.52 26.61 13.28
C PRO A 129 23.18 27.52 12.12
N LEU A 130 23.27 27.05 10.87
CA LEU A 130 22.90 27.92 9.76
C LEU A 130 21.39 28.25 9.71
N LEU A 131 20.57 27.44 10.38
CA LEU A 131 19.14 27.70 10.42
C LEU A 131 18.88 29.04 11.13
N ASP A 132 18.14 29.95 10.52
CA ASP A 132 17.60 31.11 11.28
C ASP A 132 16.53 30.59 12.24
N GLY A 133 16.81 30.64 13.54
CA GLY A 133 15.93 30.07 14.53
C GLY A 133 14.54 30.68 14.73
N GLU A 134 14.31 31.90 14.26
CA GLU A 134 13.03 32.59 14.48
C GLU A 134 11.86 31.79 13.92
N ASN A 135 12.16 31.14 12.80
CA ASN A 135 11.28 30.28 12.04
C ASN A 135 10.98 28.90 12.64
N ILE A 136 11.88 28.41 13.48
CA ILE A 136 11.95 26.97 13.78
C ILE A 136 11.20 26.62 15.06
N LEU A 137 10.19 25.78 14.94
CA LEU A 137 9.47 25.35 16.12
C LEU A 137 9.97 24.02 16.71
N GLY A 138 10.72 23.25 15.93
CA GLY A 138 11.21 21.96 16.39
C GLY A 138 11.73 21.15 15.21
N GLY A 139 12.34 20.01 15.45
CA GLY A 139 12.88 19.21 14.36
C GLY A 139 12.79 17.75 14.73
N LEU A 140 12.90 16.92 13.71
CA LEU A 140 13.01 15.46 13.91
C LEU A 140 14.37 15.03 13.39
N HIS A 141 15.17 14.45 14.30
CA HIS A 141 16.56 14.09 13.99
C HIS A 141 16.72 12.59 14.00
N VAL A 142 17.20 12.04 12.89
CA VAL A 142 17.42 10.59 12.75
C VAL A 142 18.91 10.42 12.36
N PRO A 143 19.74 10.09 13.33
CA PRO A 143 21.18 10.00 13.06
C PRO A 143 21.63 9.00 11.98
N SER A 144 20.81 7.99 11.66
CA SER A 144 21.23 6.97 10.70
C SER A 144 20.85 7.31 9.26
N ASP A 145 20.11 8.40 9.05
CA ASP A 145 19.85 8.91 7.70
C ASP A 145 21.16 9.47 7.12
N GLY A 146 21.10 9.88 5.86
CA GLY A 146 22.31 10.38 5.24
C GLY A 146 22.26 10.46 3.74
N LEU A 147 23.47 10.47 3.15
CA LEU A 147 23.65 10.70 1.73
C LEU A 147 24.18 9.50 0.99
N ALA A 148 23.39 9.06 0.00
CA ALA A 148 23.83 7.98 -0.88
C ALA A 148 24.72 8.53 -2.00
N SER A 149 25.73 7.76 -2.39
CA SER A 149 26.50 8.03 -3.61
C SER A 149 25.97 7.11 -4.68
N ALA A 150 24.85 7.49 -5.31
CA ALA A 150 24.14 6.55 -6.15
C ALA A 150 24.90 6.18 -7.41
N ALA A 151 25.54 7.17 -8.04
CA ALA A 151 26.25 6.89 -9.28
C ALA A 151 27.48 6.02 -9.01
N ARG A 152 28.18 6.30 -7.92
CA ARG A 152 29.28 5.48 -7.50
C ARG A 152 28.81 4.05 -7.18
N ALA A 153 27.65 3.93 -6.52
CA ALA A 153 27.14 2.61 -6.21
C ALA A 153 26.89 1.81 -7.47
N VAL A 154 26.28 2.42 -8.48
CA VAL A 154 26.03 1.74 -9.74
C VAL A 154 27.37 1.22 -10.28
N GLN A 155 28.41 2.06 -10.24
CA GLN A 155 29.69 1.62 -10.82
C GLN A 155 30.28 0.45 -10.04
N LEU A 156 30.20 0.49 -8.72
CA LEU A 156 30.75 -0.61 -7.92
C LEU A 156 29.88 -1.86 -8.02
N LEU A 157 28.58 -1.70 -8.22
CA LEU A 157 27.73 -2.86 -8.40
C LEU A 157 28.01 -3.54 -9.75
N ILE A 158 28.22 -2.73 -10.80
CA ILE A 158 28.57 -3.26 -12.11
C ILE A 158 29.89 -4.05 -11.98
N LYS A 159 30.87 -3.42 -11.33
CA LYS A 159 32.18 -4.08 -11.16
C LYS A 159 32.04 -5.46 -10.48
N ARG A 160 31.33 -5.53 -9.37
CA ARG A 160 31.36 -6.82 -8.69
C ARG A 160 30.42 -7.87 -9.31
N THR A 161 29.30 -7.46 -9.92
CA THR A 161 28.48 -8.44 -10.63
C THR A 161 29.16 -8.94 -11.92
N GLU A 162 29.89 -8.06 -12.62
CA GLU A 162 30.67 -8.51 -13.80
C GLU A 162 31.68 -9.59 -13.42
N SER A 163 32.33 -9.38 -12.28
CA SER A 163 33.31 -10.35 -11.73
C SER A 163 32.65 -11.71 -11.48
N ALA A 164 31.36 -11.67 -11.15
CA ALA A 164 30.60 -12.88 -10.88
C ALA A 164 29.93 -13.46 -12.13
N GLY A 165 30.16 -12.87 -13.31
CA GLY A 165 29.65 -13.43 -14.54
C GLY A 165 28.49 -12.75 -15.22
N VAL A 166 27.97 -11.67 -14.63
CA VAL A 166 26.90 -10.92 -15.26
C VAL A 166 27.43 -10.14 -16.47
N THR A 167 26.66 -10.08 -17.57
CA THR A 167 27.06 -9.36 -18.76
C THR A 167 26.33 -8.03 -18.79
N TYR A 168 27.05 -6.96 -19.11
CA TYR A 168 26.49 -5.63 -19.32
C TYR A 168 26.70 -5.20 -20.76
N ARG A 169 25.61 -4.73 -21.38
CA ARG A 169 25.64 -4.17 -22.72
C ARG A 169 25.08 -2.75 -22.62
N GLY A 170 25.98 -1.78 -22.48
CA GLY A 170 25.60 -0.38 -22.60
C GLY A 170 25.41 -0.01 -24.05
N SER A 171 25.01 1.24 -24.28
CA SER A 171 24.77 1.74 -25.66
C SER A 171 23.87 0.80 -26.45
N THR A 172 22.92 0.17 -25.75
CA THR A 172 22.05 -0.83 -26.34
C THR A 172 20.60 -0.53 -26.04
N THR A 173 19.82 -0.24 -27.08
CA THR A 173 18.44 0.18 -26.90
C THR A 173 17.44 -0.95 -27.12
N VAL A 174 16.62 -1.21 -26.10
CA VAL A 174 15.53 -2.17 -26.29
C VAL A 174 14.45 -1.54 -27.14
N THR A 175 14.03 -2.26 -28.19
CA THR A 175 12.97 -1.75 -29.05
C THR A 175 11.69 -2.57 -28.99
N GLY A 176 11.78 -3.77 -28.44
CA GLY A 176 10.58 -4.60 -28.35
C GLY A 176 10.83 -5.79 -27.43
N ILE A 177 9.77 -6.58 -27.21
CA ILE A 177 9.87 -7.76 -26.36
C ILE A 177 9.26 -8.93 -27.14
N GLU A 178 10.00 -10.03 -27.23
CA GLU A 178 9.58 -11.19 -28.02
C GLU A 178 8.81 -12.07 -27.04
N GLN A 179 7.72 -12.68 -27.51
CA GLN A 179 6.96 -13.59 -26.68
C GLN A 179 6.37 -14.72 -27.50
N SER A 180 6.06 -15.81 -26.78
CA SER A 180 5.37 -16.95 -27.38
C SER A 180 4.61 -17.73 -26.31
N GLY A 181 3.39 -18.14 -26.62
CA GLY A 181 2.59 -18.92 -25.67
C GLY A 181 2.26 -18.23 -24.35
N GLY A 182 2.23 -16.89 -24.36
CA GLY A 182 1.92 -16.11 -23.17
C GLY A 182 3.09 -15.94 -22.21
N ARG A 183 4.31 -16.29 -22.67
CA ARG A 183 5.51 -16.09 -21.82
C ARG A 183 6.57 -15.35 -22.63
N VAL A 184 7.42 -14.62 -21.91
CA VAL A 184 8.49 -13.87 -22.56
C VAL A 184 9.53 -14.87 -23.10
N THR A 185 10.07 -14.56 -24.27
CA THR A 185 11.12 -15.40 -24.88
C THR A 185 12.36 -14.59 -25.26
N GLY A 186 12.28 -13.26 -25.27
CA GLY A 186 13.46 -12.50 -25.60
C GLY A 186 13.25 -10.99 -25.62
N VAL A 187 14.34 -10.28 -25.83
CA VAL A 187 14.30 -8.82 -25.83
C VAL A 187 14.90 -8.38 -27.17
N GLN A 188 14.15 -7.54 -27.89
CA GLN A 188 14.58 -7.09 -29.24
C GLN A 188 15.40 -5.81 -29.20
N THR A 189 16.48 -5.79 -29.97
CA THR A 189 17.25 -4.57 -30.19
C THR A 189 17.48 -4.41 -31.70
N ALA A 190 18.10 -3.31 -32.12
CA ALA A 190 18.48 -3.13 -33.52
C ALA A 190 19.37 -4.26 -34.07
N ASP A 191 20.08 -4.95 -33.20
CA ASP A 191 21.04 -5.99 -33.60
C ASP A 191 20.59 -7.43 -33.40
N GLY A 192 19.31 -7.61 -33.11
CA GLY A 192 18.77 -8.94 -32.98
C GLY A 192 18.10 -9.13 -31.64
N VAL A 193 17.72 -10.37 -31.36
CA VAL A 193 17.01 -10.71 -30.15
C VAL A 193 17.97 -11.35 -29.16
N ILE A 194 17.89 -10.91 -27.91
CA ILE A 194 18.59 -11.60 -26.83
C ILE A 194 17.55 -12.53 -26.20
N PRO A 195 17.81 -13.85 -26.15
CA PRO A 195 16.88 -14.78 -25.52
C PRO A 195 16.75 -14.60 -24.02
N ALA A 196 15.56 -14.85 -23.48
CA ALA A 196 15.34 -14.69 -22.05
C ALA A 196 14.19 -15.54 -21.59
N ASP A 197 14.34 -16.08 -20.39
CA ASP A 197 13.24 -16.72 -19.67
C ASP A 197 12.55 -15.73 -18.72
N ILE A 198 13.31 -14.75 -18.24
CA ILE A 198 12.80 -13.72 -17.32
C ILE A 198 13.31 -12.37 -17.80
N VAL A 199 12.41 -11.38 -17.87
CA VAL A 199 12.84 -10.05 -18.21
C VAL A 199 12.35 -9.15 -17.07
N VAL A 200 13.25 -8.36 -16.48
CA VAL A 200 12.77 -7.39 -15.47
C VAL A 200 13.03 -5.99 -16.01
N SER A 201 11.94 -5.23 -16.11
CA SER A 201 12.01 -3.85 -16.56
C SER A 201 12.33 -2.94 -15.38
N CYS A 202 13.58 -2.44 -15.36
CA CYS A 202 14.09 -1.53 -14.33
C CYS A 202 14.48 -0.22 -15.06
N ALA A 203 13.53 0.22 -15.88
CA ALA A 203 13.74 1.31 -16.86
C ALA A 203 13.33 2.70 -16.33
N GLY A 204 13.15 2.84 -15.01
CA GLY A 204 12.84 4.14 -14.36
C GLY A 204 11.66 4.81 -15.06
N PHE A 205 11.80 6.10 -15.40
CA PHE A 205 10.68 6.82 -15.99
C PHE A 205 10.32 6.44 -17.42
N TRP A 206 11.13 5.56 -18.04
CA TRP A 206 10.74 4.97 -19.32
C TRP A 206 9.83 3.73 -19.16
N GLY A 207 9.44 3.42 -17.92
CA GLY A 207 8.70 2.18 -17.62
C GLY A 207 7.40 2.05 -18.38
N ALA A 208 6.69 3.17 -18.61
CA ALA A 208 5.43 3.05 -19.38
C ALA A 208 5.70 2.75 -20.87
N LYS A 209 6.75 3.33 -21.42
CA LYS A 209 7.16 3.09 -22.80
C LYS A 209 7.54 1.61 -22.97
N ILE A 210 8.29 1.06 -22.00
CA ILE A 210 8.64 -0.38 -22.04
C ILE A 210 7.35 -1.20 -21.93
N GLY A 211 6.45 -0.82 -21.02
CA GLY A 211 5.24 -1.63 -20.79
C GLY A 211 4.40 -1.72 -22.05
N ALA A 212 4.31 -0.61 -22.78
CA ALA A 212 3.57 -0.64 -24.04
C ALA A 212 4.08 -1.71 -25.03
N MET A 213 5.34 -2.10 -24.92
CA MET A 213 5.92 -3.12 -25.80
C MET A 213 5.23 -4.50 -25.69
N ILE A 214 4.53 -4.72 -24.57
CA ILE A 214 3.78 -5.96 -24.34
C ILE A 214 2.31 -5.70 -24.02
N GLY A 215 1.84 -4.48 -24.26
CA GLY A 215 0.46 -4.14 -23.96
C GLY A 215 0.12 -4.07 -22.49
N MET A 216 1.15 -3.77 -21.67
CA MET A 216 0.98 -3.65 -20.23
C MET A 216 0.89 -2.16 -19.83
N ALA A 217 -0.09 -1.81 -19.02
CA ALA A 217 -0.21 -0.46 -18.49
C ALA A 217 0.66 -0.34 -17.24
N VAL A 218 1.68 0.51 -17.31
CA VAL A 218 2.57 0.74 -16.16
C VAL A 218 2.25 2.16 -15.67
N PRO A 219 1.58 2.25 -14.53
CA PRO A 219 0.98 3.52 -14.09
C PRO A 219 2.02 4.40 -13.38
N LEU A 220 2.98 4.89 -14.15
CA LEU A 220 3.88 5.97 -13.68
C LEU A 220 3.82 7.09 -14.70
N LEU A 221 4.12 8.29 -14.22
CA LEU A 221 4.21 9.45 -15.07
C LEU A 221 5.58 10.02 -14.92
N PRO A 222 6.29 10.25 -16.03
CA PRO A 222 7.56 11.00 -15.94
C PRO A 222 7.25 12.46 -15.62
N LEU A 223 7.92 13.02 -14.60
CA LEU A 223 7.73 14.42 -14.19
C LEU A 223 9.09 14.99 -13.86
N ALA A 224 9.24 16.29 -14.07
CA ALA A 224 10.48 16.98 -13.73
C ALA A 224 10.41 17.70 -12.40
N HIS A 225 11.57 17.82 -11.73
CA HIS A 225 11.70 18.37 -10.38
C HIS A 225 12.99 19.18 -10.41
N GLN A 226 12.96 20.39 -9.83
CA GLN A 226 14.13 21.27 -9.92
C GLN A 226 15.19 20.95 -8.87
N TYR A 227 16.46 21.03 -9.28
CA TYR A 227 17.53 20.90 -8.30
C TYR A 227 18.56 21.93 -8.66
N VAL A 228 19.03 22.63 -7.64
CA VAL A 228 19.98 23.74 -7.88
C VAL A 228 21.21 23.62 -7.01
N LYS A 229 22.34 23.99 -7.57
CA LYS A 229 23.59 24.14 -6.77
C LYS A 229 23.95 25.60 -6.69
N THR A 230 24.25 26.07 -5.49
CA THR A 230 24.72 27.48 -5.32
C THR A 230 26.18 27.60 -5.68
N THR A 231 26.59 28.85 -5.80
CA THR A 231 28.03 29.16 -5.75
C THR A 231 28.54 28.87 -4.33
N PRO A 232 29.87 28.90 -4.15
CA PRO A 232 30.39 28.75 -2.78
C PRO A 232 29.75 29.72 -1.79
N VAL A 233 29.34 29.14 -0.67
CA VAL A 233 28.65 29.87 0.37
C VAL A 233 29.71 30.40 1.36
N PRO A 234 29.82 31.71 1.53
CA PRO A 234 30.85 32.26 2.45
C PRO A 234 30.87 31.64 3.83
N ALA A 235 29.73 31.49 4.49
CA ALA A 235 29.73 30.88 5.81
C ALA A 235 30.30 29.46 5.88
N GLN A 236 30.33 28.78 4.73
CA GLN A 236 30.80 27.38 4.64
C GLN A 236 32.27 27.24 4.28
N GLN A 237 32.93 28.38 4.05
CA GLN A 237 34.32 28.35 3.60
C GLN A 237 35.20 27.51 4.53
N GLY A 238 35.85 26.50 3.95
CA GLY A 238 36.85 25.72 4.64
C GLY A 238 36.31 24.67 5.59
N ARG A 239 35.00 24.44 5.57
CA ARG A 239 34.44 23.50 6.55
C ARG A 239 34.37 22.04 6.07
N ASN A 240 34.05 21.85 4.79
CA ASN A 240 33.96 20.50 4.18
C ASN A 240 35.04 20.20 3.16
N ASP A 241 35.29 18.90 2.96
CA ASP A 241 36.17 18.38 1.89
C ASP A 241 35.56 18.75 0.55
N GLN A 242 36.40 19.26 -0.34
CA GLN A 242 35.96 19.60 -1.69
C GLN A 242 36.13 18.34 -2.51
N PRO A 243 35.39 18.21 -3.61
CA PRO A 243 34.37 19.19 -4.02
C PRO A 243 32.96 18.85 -3.57
N ASN A 244 32.80 17.73 -2.89
CA ASN A 244 31.48 17.23 -2.71
C ASN A 244 31.20 16.64 -1.34
N GLY A 245 31.99 17.06 -0.35
CA GLY A 245 31.82 16.60 1.00
C GLY A 245 30.59 17.18 1.67
N ALA A 246 30.23 16.54 2.76
CA ALA A 246 29.14 16.97 3.59
C ALA A 246 29.35 16.47 5.00
N ARG A 247 29.01 17.34 5.94
CA ARG A 247 29.14 17.03 7.35
C ARG A 247 27.87 17.20 8.15
N LEU A 248 27.00 18.10 7.72
CA LEU A 248 25.73 18.37 8.43
C LEU A 248 24.67 17.35 7.98
N PRO A 249 23.67 17.08 8.83
CA PRO A 249 22.60 16.15 8.42
C PRO A 249 21.92 16.70 7.18
N ILE A 250 21.41 15.81 6.35
CA ILE A 250 20.57 16.24 5.23
C ILE A 250 19.34 16.94 5.87
N LEU A 251 18.79 17.92 5.14
CA LEU A 251 17.85 18.86 5.74
C LEU A 251 16.55 18.89 4.94
N ARG A 252 15.44 18.64 5.64
CA ARG A 252 14.12 18.77 5.01
C ARG A 252 13.42 20.01 5.55
N HIS A 253 12.80 20.77 4.63
CA HIS A 253 12.03 21.98 4.98
C HIS A 253 10.66 21.77 4.31
N GLN A 254 9.92 20.81 4.83
CA GLN A 254 8.67 20.39 4.13
C GLN A 254 7.60 21.48 4.02
N ASP A 255 7.59 22.42 4.96
CA ASP A 255 6.63 23.53 4.89
C ASP A 255 6.79 24.42 3.65
N GLN A 256 7.96 24.35 3.02
CA GLN A 256 8.18 25.11 1.79
C GLN A 256 8.57 24.24 0.63
N ASP A 257 8.33 22.92 0.77
CA ASP A 257 8.53 21.97 -0.30
C ASP A 257 10.01 21.89 -0.77
N LEU A 258 10.90 22.01 0.19
CA LEU A 258 12.34 22.09 -0.13
C LEU A 258 13.16 21.07 0.66
N TYR A 259 14.30 20.66 0.08
CA TYR A 259 15.28 19.88 0.87
C TYR A 259 16.68 20.34 0.49
N TYR A 260 17.67 20.01 1.32
CA TYR A 260 19.04 20.57 1.14
C TYR A 260 20.10 19.55 1.49
N ARG A 261 21.25 19.66 0.84
CA ARG A 261 22.46 18.96 1.28
C ARG A 261 23.66 19.86 0.98
N GLU A 262 24.80 19.55 1.61
CA GLU A 262 26.04 20.22 1.22
C GLU A 262 26.71 19.51 0.06
N HIS A 263 27.38 20.31 -0.77
CA HIS A 263 28.29 19.81 -1.80
C HIS A 263 29.62 20.58 -1.60
N GLY A 264 30.49 20.10 -0.71
CA GLY A 264 31.67 20.92 -0.37
C GLY A 264 31.17 22.20 0.30
N ASP A 265 31.62 23.37 -0.18
CA ASP A 265 31.16 24.63 0.40
C ASP A 265 29.96 25.23 -0.33
N ARG A 266 29.37 24.44 -1.23
CA ARG A 266 28.17 24.86 -1.95
C ARG A 266 26.97 24.15 -1.30
N TYR A 267 25.79 24.68 -1.59
CA TYR A 267 24.54 24.00 -1.18
C TYR A 267 23.82 23.46 -2.39
N GLY A 268 23.20 22.28 -2.19
CA GLY A 268 22.32 21.71 -3.17
C GLY A 268 20.90 21.92 -2.66
N ILE A 269 20.01 22.36 -3.54
CA ILE A 269 18.64 22.67 -3.13
C ILE A 269 17.68 21.89 -4.00
N GLY A 270 16.91 20.98 -3.40
CA GLY A 270 15.86 20.30 -4.17
C GLY A 270 14.53 20.96 -3.90
N SER A 271 13.81 21.23 -4.97
CA SER A 271 12.56 21.98 -4.86
C SER A 271 11.42 21.25 -5.53
N TYR A 272 10.37 21.03 -4.76
CA TYR A 272 9.06 20.62 -5.33
C TYR A 272 8.11 21.80 -5.32
N ALA A 273 8.65 23.01 -5.10
CA ALA A 273 7.88 24.24 -4.96
C ALA A 273 7.62 24.88 -6.34
N HIS A 274 6.96 24.10 -7.20
CA HIS A 274 6.72 24.54 -8.58
C HIS A 274 5.58 23.75 -9.16
N ARG A 275 5.06 24.26 -10.27
CA ARG A 275 4.00 23.55 -11.01
C ARG A 275 4.46 22.12 -11.34
N PRO A 276 3.53 21.17 -11.36
CA PRO A 276 3.88 19.86 -11.93
C PRO A 276 4.33 20.01 -13.38
N MET A 277 5.29 19.19 -13.75
CA MET A 277 5.95 19.29 -15.04
C MET A 277 5.98 17.91 -15.69
N PRO A 278 4.86 17.49 -16.28
CA PRO A 278 4.84 16.21 -16.99
C PRO A 278 5.79 16.22 -18.19
N VAL A 279 6.43 15.09 -18.44
CA VAL A 279 7.39 14.97 -19.53
C VAL A 279 6.98 13.88 -20.51
N ASP A 280 7.07 14.19 -21.79
CA ASP A 280 6.79 13.23 -22.84
C ASP A 280 8.08 12.54 -23.22
N VAL A 281 8.24 11.26 -22.82
CA VAL A 281 9.53 10.57 -23.02
C VAL A 281 9.92 10.45 -24.49
N ASP A 282 8.93 10.47 -25.37
CA ASP A 282 9.17 10.33 -26.80
C ASP A 282 9.77 11.58 -27.43
N THR A 283 9.82 12.67 -26.68
CA THR A 283 10.47 13.89 -27.19
C THR A 283 11.92 14.05 -26.75
N LEU A 284 12.43 13.15 -25.91
CA LEU A 284 13.75 13.37 -25.31
C LEU A 284 14.87 13.30 -26.34
N GLY A 285 14.62 12.51 -27.40
CA GLY A 285 15.61 12.32 -28.44
C GLY A 285 16.51 11.19 -28.04
N ALA A 286 17.01 10.44 -29.02
CA ALA A 286 17.96 9.40 -28.69
C ALA A 286 19.32 10.04 -28.49
N TYR A 287 19.90 9.90 -27.30
CA TYR A 287 21.24 10.42 -27.07
C TYR A 287 22.26 9.42 -27.54
N ALA A 288 23.17 9.87 -28.41
CA ALA A 288 24.32 9.08 -28.79
C ALA A 288 25.09 8.91 -27.49
N PRO A 289 25.41 7.66 -27.16
CA PRO A 289 26.10 7.33 -25.90
C PRO A 289 27.39 8.12 -25.68
N GLU A 290 28.15 8.38 -26.75
CA GLU A 290 29.39 9.17 -26.66
C GLU A 290 29.15 10.61 -26.23
N THR A 291 27.91 11.10 -26.36
CA THR A 291 27.58 12.49 -26.01
C THR A 291 27.08 12.67 -24.58
N VAL A 292 26.81 11.57 -23.86
CA VAL A 292 26.22 11.66 -22.53
C VAL A 292 27.28 12.12 -21.53
N SER A 293 26.97 13.19 -20.83
CA SER A 293 27.84 13.77 -19.81
C SER A 293 27.04 14.37 -18.67
N GLU A 294 27.74 14.90 -17.67
CA GLU A 294 27.06 15.34 -16.46
C GLU A 294 25.91 16.30 -16.77
N HIS A 295 26.13 17.25 -17.67
CA HIS A 295 25.07 18.23 -17.93
C HIS A 295 24.28 17.96 -19.18
N HIS A 296 24.56 16.84 -19.83
CA HIS A 296 23.89 16.46 -21.07
C HIS A 296 23.48 14.97 -21.02
N MET A 297 22.29 14.70 -20.51
CA MET A 297 21.81 13.34 -20.43
C MET A 297 20.29 13.39 -20.53
N PRO A 298 19.65 12.29 -20.94
CA PRO A 298 18.20 12.30 -21.14
C PRO A 298 17.42 12.79 -19.91
N SER A 299 17.92 12.51 -18.69
CA SER A 299 17.14 12.83 -17.49
C SER A 299 17.14 14.32 -17.12
N ARG A 300 18.00 15.13 -17.74
CA ARG A 300 18.10 16.54 -17.36
C ARG A 300 17.52 17.43 -18.45
N LEU A 301 16.47 18.17 -18.11
CA LEU A 301 15.88 19.15 -19.01
C LEU A 301 16.41 20.52 -18.63
N ASP A 302 16.36 21.43 -19.59
CA ASP A 302 16.73 22.83 -19.30
C ASP A 302 16.12 23.42 -18.04
N PHE A 303 16.93 24.14 -17.26
CA PHE A 303 16.46 24.79 -16.05
C PHE A 303 15.53 25.97 -16.39
N THR A 304 14.44 26.05 -15.67
CA THR A 304 13.52 27.17 -15.80
C THR A 304 13.56 28.05 -14.55
N LEU A 305 14.45 29.04 -14.58
CA LEU A 305 14.71 29.88 -13.41
C LEU A 305 13.43 30.50 -12.83
N GLU A 306 12.46 30.85 -13.68
CA GLU A 306 11.26 31.52 -13.17
C GLU A 306 10.49 30.65 -12.18
N ASP A 307 10.52 29.33 -12.40
CA ASP A 307 9.84 28.41 -11.48
C ASP A 307 10.54 28.31 -10.14
N PHE A 308 11.82 28.70 -10.09
CA PHE A 308 12.61 28.50 -8.88
C PHE A 308 12.68 29.74 -7.96
N LEU A 309 12.30 30.91 -8.47
CA LEU A 309 12.46 32.13 -7.65
C LEU A 309 11.80 32.09 -6.25
N PRO A 310 10.54 31.66 -6.12
CA PRO A 310 9.97 31.57 -4.77
C PRO A 310 10.75 30.60 -3.86
N ALA A 311 11.23 29.48 -4.42
CA ALA A 311 12.02 28.54 -3.60
C ALA A 311 13.32 29.20 -3.16
N TRP A 312 13.90 29.99 -4.05
CA TRP A 312 15.15 30.65 -3.69
C TRP A 312 14.92 31.64 -2.53
N GLU A 313 13.81 32.40 -2.59
CA GLU A 313 13.46 33.30 -1.49
C GLU A 313 13.23 32.57 -0.17
N ALA A 314 12.47 31.47 -0.21
CA ALA A 314 12.21 30.70 0.98
C ALA A 314 13.50 30.15 1.56
N THR A 315 14.39 29.73 0.67
CA THR A 315 15.70 29.22 1.09
C THR A 315 16.50 30.27 1.84
N LYS A 316 16.55 31.49 1.28
CA LYS A 316 17.31 32.55 1.98
C LYS A 316 16.72 32.89 3.35
N GLN A 317 15.40 32.72 3.50
CA GLN A 317 14.73 32.93 4.79
C GLN A 317 15.08 31.84 5.80
N LEU A 318 15.14 30.59 5.35
CA LEU A 318 15.52 29.49 6.26
C LEU A 318 17.02 29.51 6.63
N LEU A 319 17.85 29.78 5.62
CA LEU A 319 19.33 29.70 5.71
C LEU A 319 19.96 31.01 5.20
N PRO A 320 19.91 32.06 6.02
CA PRO A 320 20.37 33.39 5.61
C PRO A 320 21.77 33.42 5.04
N ALA A 321 22.66 32.52 5.49
CA ALA A 321 24.01 32.43 4.90
C ALA A 321 23.97 32.28 3.40
N LEU A 322 22.90 31.66 2.85
CA LEU A 322 22.81 31.46 1.42
C LEU A 322 22.47 32.71 0.59
N ALA A 323 22.00 33.76 1.26
CA ALA A 323 21.76 35.03 0.61
C ALA A 323 23.08 35.66 0.12
N ASP A 324 24.20 35.21 0.69
CA ASP A 324 25.52 35.64 0.22
C ASP A 324 26.12 34.70 -0.84
N SER A 325 25.28 33.87 -1.45
CA SER A 325 25.68 33.07 -2.61
C SER A 325 24.71 33.37 -3.74
N GLU A 326 24.97 32.76 -4.90
CA GLU A 326 24.08 32.92 -6.02
C GLU A 326 23.72 31.55 -6.54
N ILE A 327 22.77 31.51 -7.45
CA ILE A 327 22.49 30.27 -8.16
C ILE A 327 23.61 29.99 -9.14
N GLU A 328 24.25 28.84 -9.01
CA GLU A 328 25.36 28.49 -9.91
C GLU A 328 24.85 27.68 -11.09
N ASP A 329 24.18 26.56 -10.79
CA ASP A 329 23.62 25.75 -11.85
C ASP A 329 22.29 25.17 -11.39
N GLY A 330 21.34 25.05 -12.29
CA GLY A 330 20.12 24.33 -11.98
C GLY A 330 19.76 23.43 -13.15
N PHE A 331 18.89 22.43 -12.91
CA PHE A 331 18.29 21.69 -14.02
C PHE A 331 16.92 21.23 -13.59
N ASN A 332 16.09 20.85 -14.58
CA ASN A 332 14.77 20.32 -14.29
C ASN A 332 14.93 18.80 -14.51
N GLY A 333 14.96 18.03 -13.43
CA GLY A 333 15.38 16.62 -13.55
C GLY A 333 14.20 15.66 -13.56
N ILE A 334 14.22 14.71 -14.50
CA ILE A 334 13.04 13.83 -14.69
C ILE A 334 13.13 12.64 -13.70
N PHE A 335 12.00 12.31 -13.07
CA PHE A 335 11.87 11.06 -12.29
C PHE A 335 10.42 10.57 -12.52
N SER A 336 9.95 9.63 -11.71
CA SER A 336 8.61 9.02 -11.89
C SER A 336 7.74 9.27 -10.68
N PHE A 337 6.43 9.47 -10.93
CA PHE A 337 5.45 9.43 -9.85
C PHE A 337 4.33 8.50 -10.24
N THR A 338 3.64 7.95 -9.23
CA THR A 338 2.52 7.01 -9.47
C THR A 338 1.27 7.53 -8.80
N PRO A 339 0.10 6.96 -9.13
CA PRO A 339 -1.16 7.43 -8.54
C PRO A 339 -1.26 7.36 -7.03
N ASP A 340 -0.47 6.51 -6.36
CA ASP A 340 -0.60 6.45 -4.91
C ASP A 340 0.75 6.66 -4.20
N GLY A 341 1.74 7.08 -4.97
CA GLY A 341 3.08 7.26 -4.45
C GLY A 341 3.89 6.01 -4.12
N GLY A 342 3.32 4.82 -4.31
CA GLY A 342 4.04 3.56 -4.14
C GLY A 342 4.78 3.20 -5.40
N PRO A 343 5.80 2.34 -5.28
CA PRO A 343 6.50 1.83 -6.45
C PRO A 343 5.67 0.79 -7.21
N LEU A 344 6.25 0.21 -8.25
CA LEU A 344 5.54 -0.70 -9.13
C LEU A 344 6.42 -1.95 -9.27
N LEU A 345 6.05 -3.02 -8.55
CA LEU A 345 6.86 -4.23 -8.53
C LEU A 345 6.04 -5.42 -8.93
N GLY A 346 6.69 -6.41 -9.52
CA GLY A 346 6.05 -7.71 -9.64
C GLY A 346 5.87 -8.21 -11.05
N GLU A 347 5.22 -9.37 -11.17
CA GLU A 347 5.00 -9.98 -12.48
C GLU A 347 3.84 -9.33 -13.20
N SER A 348 4.01 -9.04 -14.49
CA SER A 348 2.93 -8.50 -15.32
C SER A 348 1.75 -9.46 -15.45
N LYS A 349 0.57 -8.86 -15.62
CA LYS A 349 -0.64 -9.61 -15.95
C LYS A 349 -0.58 -10.18 -17.34
N GLU A 350 0.07 -9.46 -18.25
CA GLU A 350 0.01 -9.81 -19.66
C GLU A 350 0.98 -10.91 -20.07
N LEU A 351 2.10 -11.03 -19.39
CA LEU A 351 3.18 -11.87 -19.92
C LEU A 351 3.92 -12.57 -18.81
N ASP A 352 3.87 -13.91 -18.81
CA ASP A 352 4.63 -14.66 -17.81
C ASP A 352 6.13 -14.44 -17.97
N GLY A 353 6.81 -14.28 -16.83
CA GLY A 353 8.24 -14.07 -16.79
C GLY A 353 8.66 -12.63 -17.01
N PHE A 354 7.69 -11.72 -17.20
CA PHE A 354 8.02 -10.31 -17.41
C PHE A 354 7.63 -9.57 -16.15
N TYR A 355 8.62 -8.92 -15.54
CA TYR A 355 8.41 -8.26 -14.27
C TYR A 355 8.82 -6.80 -14.36
N VAL A 356 8.28 -6.02 -13.43
CA VAL A 356 8.64 -4.59 -13.29
C VAL A 356 9.26 -4.32 -11.94
N ALA A 357 10.16 -3.33 -11.89
CA ALA A 357 10.63 -2.80 -10.60
C ALA A 357 10.90 -1.33 -10.90
N GLU A 358 9.85 -0.50 -10.81
CA GLU A 358 9.89 0.87 -11.37
C GLU A 358 9.16 1.86 -10.47
N ALA A 359 9.58 3.10 -10.64
CA ALA A 359 9.14 4.27 -9.84
C ALA A 359 9.62 4.10 -8.40
N VAL A 360 10.97 4.00 -8.29
CA VAL A 360 11.62 3.65 -7.01
C VAL A 360 12.59 4.76 -6.69
N TRP A 361 12.42 5.38 -5.52
CA TRP A 361 13.39 6.38 -5.01
C TRP A 361 14.74 5.71 -4.79
N VAL A 362 15.84 6.48 -4.93
CA VAL A 362 17.15 5.94 -4.54
C VAL A 362 17.08 5.37 -3.12
N THR A 363 16.37 6.09 -2.25
CA THR A 363 16.17 5.70 -0.83
C THR A 363 15.74 4.27 -0.64
N HIS A 364 14.92 3.77 -1.56
CA HIS A 364 14.34 2.41 -1.41
C HIS A 364 14.96 1.36 -2.32
N SER A 365 15.94 1.77 -3.10
CA SER A 365 16.39 1.00 -4.25
C SER A 365 16.90 -0.39 -3.89
N ALA A 366 17.77 -0.46 -2.89
CA ALA A 366 18.35 -1.79 -2.57
C ALA A 366 17.29 -2.70 -1.98
N GLY A 367 16.33 -2.11 -1.27
CA GLY A 367 15.23 -2.87 -0.67
C GLY A 367 14.30 -3.47 -1.71
N VAL A 368 13.95 -2.67 -2.71
CA VAL A 368 13.16 -3.14 -3.83
C VAL A 368 13.94 -4.25 -4.56
N ALA A 369 15.25 -4.04 -4.76
CA ALA A 369 16.03 -5.06 -5.49
C ALA A 369 16.07 -6.39 -4.71
N LYS A 370 16.23 -6.30 -3.40
CA LYS A 370 16.24 -7.52 -2.54
C LYS A 370 14.90 -8.23 -2.58
N ALA A 371 13.80 -7.48 -2.47
CA ALA A 371 12.47 -8.08 -2.53
C ALA A 371 12.20 -8.77 -3.89
N MET A 372 12.62 -8.12 -4.97
CA MET A 372 12.47 -8.69 -6.31
C MET A 372 13.32 -9.93 -6.50
N ALA A 373 14.54 -9.93 -5.93
CA ALA A 373 15.43 -11.11 -6.03
C ALA A 373 14.81 -12.29 -5.28
N GLU A 374 14.28 -12.01 -4.10
CA GLU A 374 13.52 -13.02 -3.35
C GLU A 374 12.33 -13.51 -4.18
N LEU A 375 11.59 -12.59 -4.79
CA LEU A 375 10.44 -12.98 -5.57
C LEU A 375 10.82 -13.90 -6.72
N LEU A 376 11.88 -13.55 -7.42
CA LEU A 376 12.28 -14.26 -8.64
C LEU A 376 12.84 -15.64 -8.26
N THR A 377 13.65 -15.71 -7.20
CA THR A 377 14.34 -16.97 -6.90
C THR A 377 13.56 -17.90 -5.99
N THR A 378 12.55 -17.40 -5.28
CA THR A 378 11.76 -18.28 -4.38
C THR A 378 10.27 -18.29 -4.67
N GLY A 379 9.78 -17.29 -5.40
CA GLY A 379 8.36 -17.14 -5.62
C GLY A 379 7.66 -16.19 -4.65
N ARG A 380 8.40 -15.67 -3.67
CA ARG A 380 7.83 -14.71 -2.72
C ARG A 380 8.83 -13.73 -2.20
N SER A 381 8.34 -12.53 -1.89
CA SER A 381 9.16 -11.55 -1.18
C SER A 381 9.07 -11.78 0.33
N GLU A 382 10.17 -11.55 1.03
CA GLU A 382 10.18 -11.59 2.50
C GLU A 382 9.51 -10.38 3.11
N THR A 383 9.29 -9.35 2.29
CA THR A 383 8.61 -8.15 2.76
C THR A 383 7.26 -8.01 2.06
N ASP A 384 6.23 -7.60 2.81
CA ASP A 384 4.87 -7.44 2.28
C ASP A 384 4.89 -6.47 1.09
N LEU A 385 4.43 -6.93 -0.08
CA LEU A 385 4.39 -6.09 -1.28
C LEU A 385 2.99 -5.57 -1.60
N GLY A 386 2.06 -5.66 -0.66
CA GLY A 386 0.68 -5.25 -0.94
C GLY A 386 0.55 -3.82 -1.45
N GLU A 387 1.44 -2.92 -0.98
CA GLU A 387 1.37 -1.50 -1.42
C GLU A 387 2.23 -1.23 -2.64
N CYS A 388 2.97 -2.26 -3.09
CA CYS A 388 4.01 -2.15 -4.12
C CYS A 388 3.69 -2.92 -5.37
N ASP A 389 2.76 -3.88 -5.28
CA ASP A 389 2.53 -4.78 -6.38
C ASP A 389 1.77 -4.06 -7.50
N ILE A 390 2.27 -4.19 -8.72
CA ILE A 390 1.67 -3.52 -9.90
C ILE A 390 0.20 -3.93 -10.05
N THR A 391 -0.14 -5.13 -9.56
CA THR A 391 -1.53 -5.60 -9.71
C THR A 391 -2.50 -5.04 -8.70
N ARG A 392 -2.07 -4.12 -7.84
CA ARG A 392 -3.00 -3.56 -6.88
C ARG A 392 -4.05 -2.65 -7.52
N PHE A 393 -3.77 -2.18 -8.72
CA PHE A 393 -4.62 -1.13 -9.31
C PHE A 393 -5.87 -1.72 -9.98
N GLU A 394 -6.98 -0.99 -9.84
CA GLU A 394 -8.18 -1.31 -10.64
C GLU A 394 -8.06 -0.74 -12.04
N ASP A 395 -8.89 -1.25 -12.96
CA ASP A 395 -8.79 -0.85 -14.34
C ASP A 395 -8.95 0.65 -14.58
N VAL A 396 -9.87 1.31 -13.86
CA VAL A 396 -10.01 2.75 -14.07
C VAL A 396 -8.77 3.53 -13.60
N GLN A 397 -7.95 2.90 -12.75
CA GLN A 397 -6.74 3.56 -12.24
C GLN A 397 -5.55 3.38 -13.16
N LEU A 398 -5.73 2.66 -14.28
CA LEU A 398 -4.62 2.36 -15.18
C LEU A 398 -4.68 3.19 -16.47
N THR A 399 -5.71 4.02 -16.63
CA THR A 399 -5.81 4.80 -17.85
C THR A 399 -4.74 5.90 -17.83
N PRO A 400 -4.21 6.25 -19.00
CA PRO A 400 -3.22 7.35 -19.07
C PRO A 400 -3.74 8.63 -18.40
N GLU A 401 -5.03 8.94 -18.59
CA GLU A 401 -5.60 10.16 -17.97
C GLU A 401 -5.59 10.11 -16.44
N TYR A 402 -5.89 8.94 -15.88
CA TYR A 402 -5.92 8.82 -14.45
C TYR A 402 -4.50 8.91 -13.94
N VAL A 403 -3.59 8.20 -14.59
CA VAL A 403 -2.19 8.21 -14.13
C VAL A 403 -1.65 9.63 -14.18
N SER A 404 -1.97 10.34 -15.26
CA SER A 404 -1.42 11.73 -15.41
C SER A 404 -1.99 12.63 -14.32
N GLU A 405 -3.31 12.62 -14.16
CA GLU A 405 -3.93 13.50 -13.19
C GLU A 405 -3.48 13.24 -11.73
N THR A 406 -3.57 11.97 -11.30
CA THR A 406 -3.32 11.65 -9.92
C THR A 406 -1.85 11.74 -9.60
N SER A 407 -1.00 11.39 -10.56
CA SER A 407 0.44 11.46 -10.28
C SER A 407 0.88 12.91 -10.16
N GLN A 408 0.29 13.79 -10.99
CA GLN A 408 0.55 15.23 -10.86
C GLN A 408 0.08 15.73 -9.52
N GLN A 409 -1.11 15.30 -9.09
CA GLN A 409 -1.55 15.75 -7.78
C GLN A 409 -0.68 15.20 -6.66
N ASN A 410 -0.17 13.99 -6.81
CA ASN A 410 0.75 13.49 -5.78
C ASN A 410 2.04 14.31 -5.70
N PHE A 411 2.48 14.80 -6.84
CA PHE A 411 3.62 15.72 -6.84
C PHE A 411 3.28 17.04 -6.13
N VAL A 412 2.11 17.60 -6.42
CA VAL A 412 1.67 18.86 -5.80
C VAL A 412 1.59 18.72 -4.26
N GLU A 413 1.19 17.54 -3.79
CA GLU A 413 1.04 17.25 -2.36
C GLU A 413 2.20 16.51 -1.71
N ILE A 414 3.32 16.40 -2.42
CA ILE A 414 4.35 15.49 -2.01
C ILE A 414 4.79 15.65 -0.56
N TYR A 415 4.88 16.91 -0.10
CA TYR A 415 5.43 17.19 1.24
C TYR A 415 4.33 17.74 2.18
N ASP A 416 3.04 17.54 1.82
CA ASP A 416 1.95 18.04 2.66
C ASP A 416 1.64 17.09 3.84
N VAL A 417 1.20 17.66 4.95
CA VAL A 417 0.66 16.88 6.06
C VAL A 417 -0.75 16.49 5.67
N LEU A 418 -0.99 15.19 5.62
CA LEU A 418 -2.31 14.72 5.17
C LEU A 418 -2.80 13.66 6.14
N HIS A 419 -4.10 13.69 6.43
CA HIS A 419 -4.74 12.61 7.23
C HIS A 419 -4.86 11.31 6.46
N PRO A 420 -4.78 10.17 7.13
CA PRO A 420 -4.85 8.90 6.41
C PRO A 420 -6.13 8.69 5.60
N LEU A 421 -7.22 9.35 5.95
CA LEU A 421 -8.46 9.20 5.15
C LEU A 421 -8.68 10.32 4.14
N GLN A 422 -7.73 11.24 4.01
CA GLN A 422 -7.88 12.34 3.03
C GLN A 422 -8.16 11.83 1.62
N PRO A 423 -9.32 12.19 1.05
CA PRO A 423 -9.63 11.82 -0.33
C PRO A 423 -9.04 12.79 -1.36
N ARG A 424 -8.92 12.33 -2.60
CA ARG A 424 -8.73 13.26 -3.70
C ARG A 424 -10.03 13.97 -3.98
N LEU A 425 -9.95 15.21 -4.48
CA LEU A 425 -11.16 15.89 -4.92
C LEU A 425 -11.48 15.63 -6.38
N SER A 426 -10.51 15.12 -7.15
CA SER A 426 -10.72 14.76 -8.56
C SER A 426 -9.61 13.76 -8.90
N PRO A 427 -9.85 12.80 -9.77
CA PRO A 427 -11.16 12.51 -10.36
C PRO A 427 -12.02 11.75 -9.35
N ARG A 428 -13.32 12.01 -9.34
CA ARG A 428 -14.20 11.33 -8.43
C ARG A 428 -15.43 10.85 -9.21
N ASN A 429 -16.26 10.05 -8.56
CA ASN A 429 -17.46 9.51 -9.22
C ASN A 429 -17.19 8.65 -10.44
N LEU A 430 -16.04 7.98 -10.44
CA LEU A 430 -15.71 7.09 -11.56
C LEU A 430 -16.58 5.83 -11.52
N ARG A 431 -16.63 5.19 -10.36
CA ARG A 431 -17.41 3.94 -10.19
C ARG A 431 -18.44 4.13 -9.10
N VAL A 432 -19.71 3.84 -9.41
CA VAL A 432 -20.73 3.96 -8.40
C VAL A 432 -21.59 2.71 -8.42
N SER A 433 -22.11 2.35 -7.26
CA SER A 433 -23.00 1.21 -7.15
C SER A 433 -24.38 1.56 -7.68
N PRO A 434 -25.25 0.56 -7.85
CA PRO A 434 -26.61 0.84 -8.35
C PRO A 434 -27.49 1.69 -7.42
N PHE A 435 -27.04 1.86 -6.17
CA PHE A 435 -27.79 2.54 -5.14
C PHE A 435 -27.40 4.01 -5.04
N HIS A 436 -26.54 4.47 -5.95
CA HIS A 436 -25.96 5.80 -5.81
C HIS A 436 -26.99 6.92 -5.71
N ALA A 437 -28.03 6.93 -6.56
CA ALA A 437 -29.00 7.99 -6.37
C ALA A 437 -29.70 7.97 -5.04
N ARG A 438 -30.06 6.78 -4.57
CA ARG A 438 -30.67 6.69 -3.24
C ARG A 438 -29.72 7.14 -2.15
N HIS A 439 -28.44 6.81 -2.28
CA HIS A 439 -27.43 7.27 -1.28
C HIS A 439 -27.30 8.81 -1.27
N LYS A 440 -27.33 9.43 -2.45
CA LYS A 440 -27.27 10.88 -2.48
C LYS A 440 -28.54 11.48 -1.85
N GLU A 441 -29.73 10.89 -2.08
CA GLU A 441 -30.95 11.37 -1.41
C GLU A 441 -30.79 11.38 0.11
N LEU A 442 -30.08 10.38 0.60
CA LEU A 442 -29.87 10.20 2.04
C LEU A 442 -28.65 10.97 2.55
N GLY A 443 -28.04 11.82 1.72
CA GLY A 443 -26.93 12.63 2.24
C GLY A 443 -25.67 11.83 2.52
N ALA A 444 -25.38 10.83 1.67
CA ALA A 444 -24.14 10.07 1.88
C ALA A 444 -22.91 11.00 1.89
N PHE A 445 -22.00 10.74 2.83
CA PHE A 445 -20.65 11.34 2.80
C PHE A 445 -19.78 10.28 2.16
N PHE A 446 -19.34 10.53 0.93
CA PHE A 446 -18.54 9.51 0.22
C PHE A 446 -17.04 9.71 0.32
N LEU A 447 -16.33 8.60 0.50
CA LEU A 447 -14.87 8.57 0.26
C LEU A 447 -14.64 7.51 -0.79
N GLU A 448 -13.47 7.52 -1.41
CA GLU A 448 -13.25 6.69 -2.55
C GLU A 448 -12.09 5.69 -2.34
N ALA A 449 -12.25 4.49 -2.90
CA ALA A 449 -11.11 3.52 -2.97
C ALA A 449 -11.32 2.64 -4.17
N GLY A 450 -10.23 2.40 -4.93
CA GLY A 450 -10.28 1.62 -6.17
C GLY A 450 -11.16 2.23 -7.21
N GLY A 451 -11.43 3.52 -7.09
CA GLY A 451 -12.36 4.15 -8.04
C GLY A 451 -13.81 4.15 -7.53
N TRP A 452 -14.12 3.32 -6.54
CA TRP A 452 -15.49 3.22 -6.05
C TRP A 452 -15.81 4.33 -5.05
N GLU A 453 -16.95 4.94 -5.23
CA GLU A 453 -17.51 5.87 -4.24
C GLU A 453 -18.24 5.10 -3.14
N ARG A 454 -17.75 5.24 -1.90
CA ARG A 454 -18.25 4.46 -0.76
C ARG A 454 -18.79 5.36 0.36
N PRO A 455 -20.06 5.25 0.76
CA PRO A 455 -20.55 6.08 1.86
C PRO A 455 -19.85 5.74 3.19
N TYR A 456 -19.35 6.75 3.88
CA TYR A 456 -18.85 6.52 5.23
C TYR A 456 -19.90 6.71 6.30
N TRP A 457 -20.91 7.52 6.02
CA TRP A 457 -22.12 7.70 6.86
C TRP A 457 -23.13 8.48 6.03
N PHE A 458 -24.33 8.62 6.58
CA PHE A 458 -25.39 9.32 5.85
C PHE A 458 -25.93 10.42 6.69
N GLU A 459 -25.94 11.65 6.14
CA GLU A 459 -26.51 12.78 6.86
C GLU A 459 -27.97 12.62 7.27
N ALA A 460 -28.77 11.84 6.51
CA ALA A 460 -30.15 11.52 6.93
C ALA A 460 -30.20 10.99 8.37
N ASN A 461 -29.15 10.29 8.81
CA ASN A 461 -29.22 9.66 10.10
C ASN A 461 -28.83 10.60 11.28
N ALA A 462 -28.51 11.85 10.94
CA ALA A 462 -28.18 12.83 12.00
C ALA A 462 -29.42 13.05 12.83
N ALA A 463 -30.59 12.95 12.20
CA ALA A 463 -31.83 13.16 12.93
C ALA A 463 -32.06 12.14 14.06
N LEU A 464 -31.39 10.99 13.99
CA LEU A 464 -31.54 9.95 15.02
C LEU A 464 -30.73 10.26 16.27
N LEU A 465 -29.77 11.19 16.22
CA LEU A 465 -28.85 11.34 17.38
C LEU A 465 -29.64 11.76 18.63
N LYS A 466 -30.64 12.59 18.42
CA LYS A 466 -31.41 13.10 19.56
C LYS A 466 -32.22 12.02 20.27
N GLU A 467 -32.52 10.93 19.57
CA GLU A 467 -33.28 9.82 20.18
C GLU A 467 -32.41 8.66 20.65
N MET A 468 -31.10 8.75 20.42
CA MET A 468 -30.18 7.66 20.72
C MET A 468 -29.97 7.58 22.23
N PRO A 469 -29.99 6.38 22.84
CA PRO A 469 -29.65 6.32 24.28
C PRO A 469 -28.26 6.91 24.53
N ALA A 470 -28.15 7.73 25.57
CA ALA A 470 -26.87 8.30 25.98
C ALA A 470 -25.67 7.33 26.04
N GLU A 471 -25.86 6.06 26.42
CA GLU A 471 -24.74 5.11 26.47
C GLU A 471 -24.04 4.95 25.10
N TRP A 472 -24.73 5.25 24.00
CA TRP A 472 -24.17 5.16 22.66
C TRP A 472 -23.44 6.41 22.20
N LEU A 473 -23.64 7.53 22.88
CA LEU A 473 -23.04 8.77 22.41
C LEU A 473 -21.53 8.80 22.81
N PRO A 474 -20.61 8.91 21.84
CA PRO A 474 -19.18 8.90 22.18
C PRO A 474 -18.65 10.22 22.73
N PRO A 475 -17.47 10.18 23.32
CA PRO A 475 -16.81 11.40 23.78
C PRO A 475 -16.36 12.27 22.59
N ALA A 476 -16.01 13.51 22.87
CA ALA A 476 -15.48 14.37 21.82
C ALA A 476 -14.19 13.77 21.28
N ARG A 477 -13.97 14.01 19.99
CA ARG A 477 -12.74 13.62 19.32
C ARG A 477 -11.83 14.84 19.21
N ASP A 478 -10.53 14.58 19.08
CA ASP A 478 -9.60 15.63 18.77
C ASP A 478 -9.68 16.02 17.30
N ALA A 479 -9.01 17.09 16.92
CA ALA A 479 -9.17 17.57 15.55
C ALA A 479 -8.69 16.50 14.56
N TRP A 480 -7.62 15.79 14.89
CA TRP A 480 -7.03 14.79 13.95
C TRP A 480 -7.89 13.55 13.81
N SER A 481 -8.22 12.91 14.94
CA SER A 481 -9.13 11.76 14.87
C SER A 481 -10.54 12.14 14.41
N GLY A 482 -10.89 13.42 14.56
CA GLY A 482 -12.20 13.89 14.09
C GLY A 482 -12.28 14.15 12.59
N MET A 483 -11.14 14.16 11.90
CA MET A 483 -11.19 14.38 10.43
C MET A 483 -11.81 13.16 9.74
N PHE A 484 -12.72 13.40 8.82
CA PHE A 484 -13.38 12.30 8.07
C PHE A 484 -14.05 11.30 9.01
N SER A 485 -14.59 11.87 10.08
CA SER A 485 -15.38 11.14 11.07
C SER A 485 -16.60 11.99 11.44
N SER A 486 -17.65 11.33 11.92
CA SER A 486 -18.86 12.05 12.36
C SER A 486 -19.52 11.26 13.49
N PRO A 487 -20.10 11.95 14.48
CA PRO A 487 -20.92 11.26 15.49
C PRO A 487 -22.08 10.51 14.87
N ILE A 488 -22.42 10.81 13.63
CA ILE A 488 -23.52 10.07 13.01
C ILE A 488 -23.18 8.58 12.95
N ALA A 489 -21.89 8.26 12.86
CA ALA A 489 -21.48 6.85 12.80
C ALA A 489 -21.95 6.08 14.06
N ALA A 490 -22.02 6.76 15.21
CA ALA A 490 -22.49 6.11 16.44
C ALA A 490 -23.94 5.72 16.29
N ALA A 491 -24.75 6.60 15.69
CA ALA A 491 -26.15 6.24 15.45
C ALA A 491 -26.31 5.08 14.50
N GLU A 492 -25.46 5.02 13.50
CA GLU A 492 -25.49 3.92 12.53
C GLU A 492 -25.11 2.58 13.15
N ALA A 493 -24.13 2.60 14.04
CA ALA A 493 -23.75 1.42 14.79
C ALA A 493 -24.92 1.02 15.73
N TRP A 494 -25.49 2.00 16.43
CA TRP A 494 -26.63 1.76 17.33
C TRP A 494 -27.74 1.02 16.56
N LYS A 495 -28.12 1.53 15.39
CA LYS A 495 -29.24 0.94 14.69
C LYS A 495 -28.87 -0.43 14.13
N THR A 496 -27.59 -0.64 13.77
CA THR A 496 -27.18 -1.98 13.32
C THR A 496 -27.29 -3.00 14.46
N ARG A 497 -26.91 -2.59 15.67
CA ARG A 497 -26.98 -3.46 16.84
C ARG A 497 -28.40 -3.67 17.39
N THR A 498 -29.33 -2.72 17.16
CA THR A 498 -30.65 -2.81 17.80
C THR A 498 -31.85 -2.90 16.86
N ALA A 499 -31.64 -2.65 15.56
CA ALA A 499 -32.74 -2.55 14.60
C ALA A 499 -32.36 -3.29 13.32
N VAL A 500 -32.22 -2.56 12.20
CA VAL A 500 -31.78 -3.18 10.97
C VAL A 500 -31.20 -2.12 10.05
N ALA A 501 -30.15 -2.50 9.36
CA ALA A 501 -29.39 -1.58 8.51
C ALA A 501 -29.01 -2.17 7.19
N MET A 502 -28.87 -1.30 6.18
CA MET A 502 -28.51 -1.70 4.81
C MET A 502 -27.14 -1.08 4.49
N TYR A 503 -26.15 -1.94 4.34
CA TYR A 503 -24.78 -1.55 4.00
C TYR A 503 -24.52 -1.83 2.51
N ASP A 504 -23.77 -0.95 1.85
CA ASP A 504 -23.47 -1.18 0.44
C ASP A 504 -22.18 -1.99 0.30
N MET A 505 -22.34 -3.30 0.07
CA MET A 505 -21.18 -4.18 -0.03
C MET A 505 -20.71 -4.33 -1.46
N THR A 506 -21.29 -3.52 -2.35
CA THR A 506 -20.95 -3.65 -3.78
C THR A 506 -19.44 -3.61 -4.08
N PRO A 507 -18.68 -2.71 -3.44
CA PRO A 507 -17.23 -2.67 -3.74
C PRO A 507 -16.37 -3.86 -3.29
N LEU A 508 -16.90 -4.76 -2.48
CA LEU A 508 -16.15 -5.97 -2.08
C LEU A 508 -15.77 -6.73 -3.34
N LYS A 509 -14.46 -6.94 -3.55
CA LYS A 509 -14.00 -7.65 -4.74
C LYS A 509 -14.76 -8.98 -4.90
N ARG A 510 -15.32 -9.16 -6.10
CA ARG A 510 -16.20 -10.30 -6.39
C ARG A 510 -15.68 -11.02 -7.62
N LEU A 511 -15.27 -12.29 -7.42
CA LEU A 511 -14.74 -13.11 -8.50
C LEU A 511 -15.63 -14.32 -8.73
N GLU A 512 -15.91 -14.59 -10.00
CA GLU A 512 -16.56 -15.83 -10.37
C GLU A 512 -15.50 -16.81 -10.96
N VAL A 513 -15.38 -17.99 -10.33
CA VAL A 513 -14.43 -19.00 -10.78
C VAL A 513 -15.26 -20.18 -11.29
N SER A 514 -15.10 -20.50 -12.58
CA SER A 514 -16.02 -21.46 -13.21
C SER A 514 -15.33 -22.41 -14.17
N GLY A 515 -16.01 -23.51 -14.45
CA GLY A 515 -15.48 -24.58 -15.28
C GLY A 515 -15.25 -25.87 -14.52
N PRO A 516 -15.04 -26.95 -15.28
CA PRO A 516 -14.84 -28.27 -14.71
C PRO A 516 -13.59 -28.37 -13.83
N GLY A 517 -12.61 -27.46 -14.00
CA GLY A 517 -11.46 -27.38 -13.13
C GLY A 517 -11.56 -26.39 -11.97
N ALA A 518 -12.70 -25.75 -11.78
CA ALA A 518 -12.80 -24.72 -10.71
C ALA A 518 -12.55 -25.27 -9.30
N LEU A 519 -13.22 -26.38 -8.97
CA LEU A 519 -12.99 -26.99 -7.67
C LEU A 519 -11.52 -27.38 -7.45
N LYS A 520 -10.93 -28.05 -8.45
CA LYS A 520 -9.53 -28.42 -8.36
C LYS A 520 -8.63 -27.22 -8.10
N LEU A 521 -8.86 -26.12 -8.84
CA LEU A 521 -8.04 -24.92 -8.63
C LEU A 521 -8.14 -24.39 -7.19
N LEU A 522 -9.38 -24.25 -6.71
CA LEU A 522 -9.61 -23.71 -5.38
C LEU A 522 -9.14 -24.66 -4.27
N GLN A 523 -9.23 -25.97 -4.49
CA GLN A 523 -8.72 -26.93 -3.53
C GLN A 523 -7.21 -26.77 -3.35
N GLU A 524 -6.50 -26.42 -4.42
CA GLU A 524 -5.03 -26.29 -4.29
C GLU A 524 -4.62 -24.92 -3.71
N LEU A 525 -5.36 -23.87 -4.07
CA LEU A 525 -4.98 -22.51 -3.64
C LEU A 525 -5.42 -22.11 -2.22
N THR A 526 -6.51 -22.69 -1.71
CA THR A 526 -7.04 -22.28 -0.41
C THR A 526 -6.70 -23.29 0.68
N THR A 527 -6.98 -22.90 1.91
CA THR A 527 -6.75 -23.75 3.09
C THR A 527 -7.98 -24.54 3.55
N ALA A 528 -9.04 -24.54 2.77
CA ALA A 528 -10.31 -25.23 3.11
C ALA A 528 -10.55 -26.45 2.24
N ASP A 529 -11.26 -27.43 2.79
CA ASP A 529 -11.79 -28.49 1.95
C ASP A 529 -13.08 -27.99 1.35
N LEU A 530 -13.04 -27.63 0.07
CA LEU A 530 -14.18 -27.04 -0.59
C LEU A 530 -15.06 -28.04 -1.31
N ALA A 531 -14.75 -29.33 -1.16
CA ALA A 531 -15.55 -30.35 -1.86
C ALA A 531 -16.80 -30.60 -1.02
N LYS A 532 -17.74 -29.65 -1.12
CA LYS A 532 -18.96 -29.64 -0.31
C LYS A 532 -20.10 -29.41 -1.28
N LYS A 533 -21.29 -29.88 -0.96
CA LYS A 533 -22.40 -29.68 -1.91
C LYS A 533 -22.65 -28.18 -2.11
N PRO A 534 -23.11 -27.78 -3.29
CA PRO A 534 -23.44 -26.37 -3.55
C PRO A 534 -24.33 -25.74 -2.48
N GLY A 535 -24.05 -24.49 -2.14
CA GLY A 535 -24.76 -23.83 -1.07
C GLY A 535 -23.86 -23.55 0.10
N ALA A 536 -22.68 -24.20 0.16
CA ALA A 536 -21.77 -23.95 1.28
C ALA A 536 -21.01 -22.67 1.05
N VAL A 537 -20.92 -21.87 2.12
CA VAL A 537 -20.01 -20.73 2.15
C VAL A 537 -18.89 -21.07 3.12
N THR A 538 -17.65 -20.78 2.71
CA THR A 538 -16.46 -21.07 3.54
C THR A 538 -15.56 -19.85 3.61
N TYR A 539 -15.16 -19.49 4.83
CA TYR A 539 -14.13 -18.49 5.01
C TYR A 539 -12.82 -19.26 5.00
N THR A 540 -11.89 -18.79 4.16
CA THR A 540 -10.64 -19.54 3.98
C THR A 540 -9.51 -18.61 3.60
N LEU A 541 -8.29 -19.13 3.65
CA LEU A 541 -7.11 -18.31 3.36
C LEU A 541 -6.44 -18.71 2.05
N LEU A 542 -5.78 -17.75 1.41
CA LEU A 542 -4.82 -18.06 0.34
C LEU A 542 -3.46 -17.85 0.96
N LEU A 543 -2.61 -18.88 0.98
CA LEU A 543 -1.25 -18.71 1.47
C LEU A 543 -0.26 -18.69 0.33
N ASP A 544 0.95 -18.22 0.63
CA ASP A 544 2.10 -18.48 -0.24
C ASP A 544 2.84 -19.73 0.25
N HIS A 545 3.88 -20.14 -0.49
CA HIS A 545 4.58 -21.39 -0.15
C HIS A 545 5.28 -21.35 1.22
N ALA A 546 5.49 -20.15 1.79
CA ALA A 546 6.08 -20.03 3.12
C ALA A 546 5.05 -20.00 4.24
N GLY A 547 3.78 -20.13 3.88
CA GLY A 547 2.71 -20.04 4.87
C GLY A 547 2.26 -18.63 5.19
N GLY A 548 2.75 -17.63 4.46
CA GLY A 548 2.31 -16.25 4.72
C GLY A 548 0.92 -16.04 4.16
N VAL A 549 0.13 -15.17 4.77
CA VAL A 549 -1.26 -14.94 4.35
C VAL A 549 -1.35 -13.94 3.21
N ARG A 550 -1.60 -14.46 2.00
CA ARG A 550 -1.87 -13.62 0.80
C ARG A 550 -3.23 -12.92 0.86
N SER A 551 -4.21 -13.57 1.47
CA SER A 551 -5.57 -13.03 1.49
C SER A 551 -6.46 -13.89 2.36
N ASP A 552 -7.51 -13.31 2.92
CA ASP A 552 -8.60 -14.11 3.47
C ASP A 552 -9.83 -13.89 2.60
N ILE A 553 -10.48 -14.98 2.19
CA ILE A 553 -11.58 -14.85 1.21
C ILE A 553 -12.81 -15.63 1.68
N THR A 554 -13.97 -15.35 1.07
CA THR A 554 -15.12 -16.25 1.24
C THR A 554 -15.32 -16.95 -0.06
N VAL A 555 -15.65 -18.24 0.02
CA VAL A 555 -15.93 -19.03 -1.19
C VAL A 555 -17.33 -19.55 -1.06
N ALA A 556 -18.19 -19.24 -2.03
CA ALA A 556 -19.54 -19.79 -2.03
C ALA A 556 -19.66 -20.66 -3.22
N ARG A 557 -20.02 -21.94 -3.01
CA ARG A 557 -20.22 -22.81 -4.14
C ARG A 557 -21.65 -22.64 -4.65
N LEU A 558 -21.79 -22.09 -5.84
CA LEU A 558 -23.13 -21.82 -6.34
C LEU A 558 -23.74 -22.99 -7.12
N SER A 559 -22.88 -23.79 -7.72
CA SER A 559 -23.27 -25.00 -8.46
C SER A 559 -22.07 -25.90 -8.58
N GLU A 560 -22.17 -27.02 -9.30
CA GLU A 560 -21.07 -27.97 -9.35
C GLU A 560 -19.80 -27.31 -9.84
N ASP A 561 -19.92 -26.46 -10.86
CA ASP A 561 -18.75 -25.88 -11.53
C ASP A 561 -18.67 -24.35 -11.42
N THR A 562 -19.42 -23.73 -10.49
CA THR A 562 -19.40 -22.25 -10.32
C THR A 562 -19.24 -21.86 -8.87
N PHE A 563 -18.22 -21.04 -8.61
CA PHE A 563 -17.92 -20.53 -7.25
C PHE A 563 -17.87 -19.00 -7.30
N GLN A 564 -18.44 -18.37 -6.28
CA GLN A 564 -18.33 -16.93 -6.16
C GLN A 564 -17.43 -16.63 -4.96
N LEU A 565 -16.39 -15.83 -5.21
CA LEU A 565 -15.42 -15.49 -4.15
C LEU A 565 -15.59 -14.03 -3.76
N GLY A 566 -15.51 -13.77 -2.47
CA GLY A 566 -15.36 -12.39 -1.99
C GLY A 566 -13.90 -12.27 -1.63
N ALA A 567 -13.20 -11.31 -2.22
CA ALA A 567 -11.73 -11.20 -2.04
C ALA A 567 -11.30 -9.81 -1.58
N ASN A 568 -9.97 -9.55 -1.55
CA ASN A 568 -9.51 -8.27 -1.01
C ASN A 568 -9.06 -7.21 -1.99
N GLY A 569 -8.95 -7.56 -3.26
CA GLY A 569 -8.55 -6.57 -4.26
C GLY A 569 -7.97 -7.21 -5.50
N ASN A 570 -7.34 -6.37 -6.33
CA ASN A 570 -6.88 -6.83 -7.62
C ASN A 570 -5.58 -7.61 -7.59
N ILE A 571 -4.89 -7.62 -6.43
CA ILE A 571 -3.78 -8.57 -6.32
C ILE A 571 -4.37 -10.00 -6.36
N ASP A 572 -5.51 -10.17 -5.68
CA ASP A 572 -6.17 -11.46 -5.69
C ASP A 572 -6.64 -11.80 -7.10
N THR A 573 -7.25 -10.83 -7.80
CA THR A 573 -7.75 -11.12 -9.13
C THR A 573 -6.64 -11.63 -10.03
N ALA A 574 -5.49 -10.93 -10.05
CA ALA A 574 -4.38 -11.31 -10.92
C ALA A 574 -3.83 -12.68 -10.52
N TYR A 575 -3.79 -12.96 -9.21
CA TYR A 575 -3.23 -14.22 -8.72
C TYR A 575 -4.11 -15.39 -9.24
N PHE A 576 -5.43 -15.23 -9.15
CA PHE A 576 -6.34 -16.27 -9.63
C PHE A 576 -6.29 -16.39 -11.14
N GLU A 577 -6.17 -15.26 -11.84
CA GLU A 577 -6.17 -15.29 -13.30
C GLU A 577 -4.99 -16.11 -13.81
N ARG A 578 -3.80 -15.86 -13.26
CA ARG A 578 -2.65 -16.58 -13.75
C ARG A 578 -2.76 -18.06 -13.36
N ALA A 579 -3.20 -18.33 -12.12
CA ALA A 579 -3.24 -19.73 -11.65
C ALA A 579 -4.24 -20.52 -12.47
N ALA A 580 -5.36 -19.90 -12.81
CA ALA A 580 -6.38 -20.52 -13.66
C ALA A 580 -5.82 -20.80 -15.04
N ARG A 581 -5.07 -19.85 -15.61
CA ARG A 581 -4.55 -20.04 -16.95
C ARG A 581 -3.54 -21.18 -16.96
N HIS A 582 -2.68 -21.23 -15.93
CA HIS A 582 -1.65 -22.25 -15.87
C HIS A 582 -2.28 -23.63 -15.73
N GLN A 583 -3.31 -23.74 -14.88
CA GLN A 583 -3.99 -25.05 -14.73
C GLN A 583 -4.64 -25.48 -16.05
N THR A 584 -5.27 -24.54 -16.74
CA THR A 584 -5.93 -24.79 -18.02
C THR A 584 -4.93 -25.26 -19.09
N GLN A 585 -3.84 -24.54 -19.23
CA GLN A 585 -2.79 -24.87 -20.23
C GLN A 585 -2.13 -26.20 -20.02
N SER A 586 -1.97 -26.60 -18.77
CA SER A 586 -1.22 -27.82 -18.50
C SER A 586 -2.17 -28.99 -18.20
N GLY A 587 -3.48 -28.74 -18.22
CA GLY A 587 -4.44 -29.72 -17.78
C GLY A 587 -5.20 -30.45 -18.89
N SER A 588 -6.15 -31.30 -18.50
CA SER A 588 -6.97 -32.05 -19.46
C SER A 588 -8.19 -31.25 -19.95
N ALA A 589 -9.05 -31.92 -20.70
CA ALA A 589 -10.33 -31.37 -21.13
C ALA A 589 -11.27 -31.05 -19.96
N THR A 590 -11.01 -31.62 -18.79
CA THR A 590 -11.87 -31.48 -17.62
C THR A 590 -11.20 -30.58 -16.58
N ASP A 591 -10.06 -29.96 -16.94
CA ASP A 591 -9.32 -29.11 -16.00
C ASP A 591 -9.41 -27.60 -16.27
N TRP A 592 -10.09 -27.20 -17.33
CA TRP A 592 -10.17 -25.77 -17.67
C TRP A 592 -10.99 -25.00 -16.64
N VAL A 593 -10.60 -23.74 -16.46
CA VAL A 593 -11.23 -22.89 -15.43
C VAL A 593 -11.06 -21.43 -15.86
N GLN A 594 -12.15 -20.66 -15.73
CA GLN A 594 -12.11 -19.24 -16.05
C GLN A 594 -12.34 -18.47 -14.76
N VAL A 595 -11.73 -17.28 -14.70
CA VAL A 595 -11.89 -16.36 -13.56
C VAL A 595 -12.37 -15.02 -14.10
N ARG A 596 -13.46 -14.50 -13.51
CA ARG A 596 -14.01 -13.22 -13.98
C ARG A 596 -14.17 -12.33 -12.78
N ASP A 597 -13.76 -11.06 -12.92
CA ASP A 597 -14.00 -10.07 -11.88
C ASP A 597 -15.35 -9.45 -12.19
N THR A 598 -16.36 -9.86 -11.42
CA THR A 598 -17.72 -9.45 -11.72
C THR A 598 -18.17 -8.28 -10.85
N THR A 599 -17.26 -7.70 -10.07
CA THR A 599 -17.66 -6.63 -9.12
C THR A 599 -18.49 -5.53 -9.78
N GLY A 600 -18.00 -5.01 -10.89
CA GLY A 600 -18.60 -3.84 -11.52
C GLY A 600 -19.94 -4.15 -12.19
N GLY A 601 -20.22 -5.42 -12.45
CA GLY A 601 -21.48 -5.80 -13.07
C GLY A 601 -22.61 -6.22 -12.13
N THR A 602 -22.30 -6.23 -10.84
CA THR A 602 -23.20 -6.77 -9.81
C THR A 602 -23.24 -5.81 -8.62
N CYS A 603 -24.00 -6.18 -7.59
CA CYS A 603 -24.05 -5.34 -6.41
C CYS A 603 -24.40 -6.20 -5.20
N CYS A 604 -24.28 -5.62 -4.00
CA CYS A 604 -24.54 -6.40 -2.81
C CYS A 604 -25.03 -5.46 -1.70
N ILE A 605 -26.13 -5.84 -1.03
CA ILE A 605 -26.54 -5.16 0.18
C ILE A 605 -26.28 -6.11 1.36
N GLY A 606 -25.56 -5.61 2.37
CA GLY A 606 -25.48 -6.35 3.65
C GLY A 606 -26.69 -5.90 4.45
N LEU A 607 -27.63 -6.81 4.72
CA LEU A 607 -28.85 -6.46 5.44
C LEU A 607 -28.69 -7.10 6.80
N TRP A 608 -28.34 -6.26 7.79
CA TRP A 608 -27.92 -6.81 9.09
C TRP A 608 -28.59 -6.12 10.26
N GLY A 609 -28.82 -6.91 11.33
CA GLY A 609 -29.42 -6.38 12.55
C GLY A 609 -30.50 -7.33 13.05
N PRO A 610 -30.87 -7.19 14.32
CA PRO A 610 -31.84 -8.13 14.91
C PRO A 610 -33.23 -8.11 14.24
N LEU A 611 -33.60 -7.06 13.52
CA LEU A 611 -34.89 -7.03 12.81
C LEU A 611 -34.78 -7.43 11.34
N ALA A 612 -33.64 -8.03 10.92
CA ALA A 612 -33.46 -8.38 9.51
C ALA A 612 -34.45 -9.39 8.99
N ARG A 613 -34.78 -10.41 9.81
CA ARG A 613 -35.77 -11.40 9.36
C ARG A 613 -37.15 -10.79 9.30
N ASP A 614 -37.50 -9.95 10.25
CA ASP A 614 -38.79 -9.26 10.18
C ASP A 614 -38.93 -8.43 8.89
N LEU A 615 -37.86 -7.74 8.51
CA LEU A 615 -37.87 -6.93 7.30
C LEU A 615 -38.01 -7.77 6.03
N VAL A 616 -37.11 -8.74 5.87
CA VAL A 616 -37.04 -9.47 4.61
C VAL A 616 -38.31 -10.28 4.36
N SER A 617 -38.93 -10.71 5.45
CA SER A 617 -40.16 -11.54 5.38
C SER A 617 -41.31 -10.80 4.66
N LYS A 618 -41.27 -9.47 4.65
CA LYS A 618 -42.32 -8.67 4.03
C LYS A 618 -42.21 -8.61 2.51
N VAL A 619 -41.05 -8.95 1.96
CA VAL A 619 -40.82 -8.74 0.53
C VAL A 619 -40.30 -9.98 -0.16
N SER A 620 -40.46 -11.12 0.50
CA SER A 620 -40.05 -12.39 -0.06
C SER A 620 -40.93 -13.49 0.49
N ASP A 621 -41.14 -14.53 -0.30
CA ASP A 621 -41.84 -15.73 0.21
C ASP A 621 -40.85 -16.87 0.46
N ASP A 622 -39.56 -16.62 0.25
CA ASP A 622 -38.57 -17.64 0.53
C ASP A 622 -38.40 -17.68 2.05
N ASP A 623 -37.89 -18.80 2.50
CA ASP A 623 -37.73 -19.06 3.91
C ASP A 623 -36.33 -18.61 4.35
N PHE A 624 -36.35 -17.59 5.20
CA PHE A 624 -35.15 -17.05 5.80
C PHE A 624 -34.99 -17.41 7.28
N THR A 625 -35.82 -18.30 7.81
CA THR A 625 -35.56 -18.86 9.15
C THR A 625 -34.27 -19.64 9.15
N ASN A 626 -33.87 -20.06 10.35
CA ASN A 626 -32.69 -20.90 10.44
C ASN A 626 -32.84 -22.19 9.65
N ASP A 627 -34.05 -22.75 9.60
CA ASP A 627 -34.31 -23.96 8.85
C ASP A 627 -34.22 -23.73 7.35
N GLY A 628 -34.62 -22.53 6.92
CA GLY A 628 -34.60 -22.14 5.52
C GLY A 628 -33.23 -21.77 5.02
N LEU A 629 -32.41 -21.13 5.86
CA LEU A 629 -31.05 -20.79 5.42
C LEU A 629 -30.13 -20.76 6.62
N LYS A 630 -29.28 -21.76 6.68
CA LYS A 630 -28.43 -21.93 7.84
C LYS A 630 -27.23 -20.99 7.77
N TYR A 631 -26.61 -20.76 8.93
CA TYR A 631 -25.42 -19.91 8.97
C TYR A 631 -24.34 -20.40 8.01
N PHE A 632 -23.71 -19.45 7.30
CA PHE A 632 -22.68 -19.77 6.31
C PHE A 632 -23.16 -20.70 5.19
N ARG A 633 -24.41 -20.55 4.81
CA ARG A 633 -24.93 -21.11 3.59
C ARG A 633 -25.47 -20.03 2.65
N ALA A 634 -25.64 -20.41 1.40
CA ALA A 634 -26.13 -19.50 0.36
C ALA A 634 -27.31 -20.18 -0.33
N LYS A 635 -28.30 -19.39 -0.74
CA LYS A 635 -29.31 -19.92 -1.65
C LYS A 635 -29.88 -18.84 -2.49
N ASN A 636 -30.53 -19.24 -3.59
CA ASN A 636 -31.17 -18.26 -4.45
C ASN A 636 -32.55 -17.96 -3.90
N VAL A 637 -32.91 -16.68 -3.88
CA VAL A 637 -34.21 -16.20 -3.35
C VAL A 637 -34.75 -15.14 -4.28
N VAL A 638 -35.99 -14.71 -4.02
CA VAL A 638 -36.53 -13.53 -4.73
C VAL A 638 -36.95 -12.52 -3.70
N ILE A 639 -36.47 -11.29 -3.84
CA ILE A 639 -36.82 -10.21 -2.91
C ILE A 639 -37.30 -9.04 -3.74
N GLY A 640 -38.52 -8.59 -3.48
CA GLY A 640 -39.07 -7.45 -4.23
C GLY A 640 -39.14 -7.70 -5.73
N GLY A 641 -39.26 -8.99 -6.10
CA GLY A 641 -39.30 -9.33 -7.51
C GLY A 641 -37.95 -9.62 -8.12
N ILE A 642 -36.88 -9.39 -7.36
CA ILE A 642 -35.54 -9.53 -7.94
C ILE A 642 -34.84 -10.83 -7.53
N PRO A 643 -34.32 -11.57 -8.51
CA PRO A 643 -33.53 -12.76 -8.17
C PRO A 643 -32.25 -12.36 -7.43
N VAL A 644 -32.01 -13.00 -6.30
CA VAL A 644 -30.89 -12.66 -5.42
C VAL A 644 -30.18 -13.91 -5.01
N THR A 645 -28.85 -13.82 -4.84
CA THR A 645 -28.10 -14.88 -4.14
C THR A 645 -27.90 -14.37 -2.72
N ALA A 646 -28.48 -15.06 -1.74
CA ALA A 646 -28.38 -14.66 -0.32
C ALA A 646 -27.38 -15.53 0.37
N MET A 647 -26.43 -14.90 1.10
CA MET A 647 -25.40 -15.66 1.85
C MET A 647 -25.54 -15.25 3.31
N ARG A 648 -25.66 -16.22 4.20
CA ARG A 648 -25.86 -15.87 5.61
C ARG A 648 -24.52 -15.75 6.38
N LEU A 649 -24.02 -14.53 6.46
CA LEU A 649 -22.84 -14.18 7.25
C LEU A 649 -22.91 -12.68 7.42
N SER A 650 -22.09 -12.18 8.33
CA SER A 650 -22.18 -10.74 8.64
C SER A 650 -20.87 -10.21 9.15
N TYR A 651 -20.27 -9.29 8.39
CA TYR A 651 -19.00 -8.67 8.84
C TYR A 651 -19.24 -7.80 10.09
N VAL A 652 -20.50 -7.47 10.40
CA VAL A 652 -20.77 -6.60 11.56
C VAL A 652 -21.22 -7.40 12.80
N GLY A 653 -21.31 -8.72 12.64
CA GLY A 653 -21.70 -9.59 13.75
C GLY A 653 -23.17 -9.67 14.13
N GLU A 654 -24.09 -9.39 13.19
CA GLU A 654 -25.51 -9.47 13.53
C GLU A 654 -26.20 -10.44 12.62
N LEU A 655 -27.46 -10.74 12.96
CA LEU A 655 -28.33 -11.49 12.05
C LEU A 655 -28.41 -10.84 10.67
N GLY A 656 -28.56 -11.67 9.65
CA GLY A 656 -28.84 -11.14 8.31
C GLY A 656 -27.94 -11.75 7.27
N TRP A 657 -27.86 -11.12 6.10
CA TRP A 657 -27.37 -11.75 4.90
C TRP A 657 -26.70 -10.73 4.01
N GLU A 658 -25.75 -11.21 3.21
CA GLU A 658 -25.27 -10.50 2.04
C GLU A 658 -26.24 -10.87 0.91
N LEU A 659 -26.78 -9.86 0.26
CA LEU A 659 -27.76 -10.06 -0.81
C LEU A 659 -27.15 -9.56 -2.12
N TYR A 660 -26.81 -10.50 -3.00
CA TYR A 660 -26.21 -10.20 -4.30
C TYR A 660 -27.17 -10.25 -5.46
N THR A 661 -27.04 -9.29 -6.38
CA THR A 661 -27.77 -9.37 -7.64
C THR A 661 -27.06 -8.60 -8.74
N SER A 662 -27.55 -8.72 -9.98
CA SER A 662 -26.99 -8.01 -11.12
C SER A 662 -27.23 -6.49 -10.97
N ALA A 663 -26.33 -5.68 -11.52
CA ALA A 663 -26.43 -4.22 -11.38
C ALA A 663 -27.78 -3.63 -11.83
N ASP A 664 -28.31 -4.13 -12.94
CA ASP A 664 -29.59 -3.63 -13.42
C ASP A 664 -30.77 -3.81 -12.46
N ASN A 665 -30.67 -4.79 -11.56
CA ASN A 665 -31.72 -5.09 -10.60
C ASN A 665 -31.49 -4.38 -9.27
N GLY A 666 -30.34 -3.71 -9.08
CA GLY A 666 -29.98 -3.29 -7.72
C GLY A 666 -30.87 -2.25 -7.11
N GLN A 667 -31.26 -1.25 -7.91
CA GLN A 667 -32.05 -0.18 -7.35
C GLN A 667 -33.40 -0.72 -6.91
N ARG A 668 -33.97 -1.65 -7.68
CA ARG A 668 -35.25 -2.22 -7.27
C ARG A 668 -35.10 -3.03 -5.96
N LEU A 669 -34.04 -3.84 -5.85
CA LEU A 669 -33.82 -4.58 -4.62
C LEU A 669 -33.71 -3.60 -3.42
N TRP A 670 -32.90 -2.57 -3.59
CA TRP A 670 -32.74 -1.49 -2.58
C TRP A 670 -34.11 -0.92 -2.19
N ASP A 671 -34.87 -0.48 -3.19
CA ASP A 671 -36.14 0.18 -2.90
C ASP A 671 -37.15 -0.74 -2.21
N ALA A 672 -37.19 -2.01 -2.59
CA ALA A 672 -38.10 -2.95 -1.96
C ALA A 672 -37.75 -3.15 -0.51
N LEU A 673 -36.46 -3.36 -0.21
CA LEU A 673 -36.06 -3.54 1.19
C LEU A 673 -36.28 -2.28 2.00
N TRP A 674 -35.98 -1.13 1.38
CA TRP A 674 -36.18 0.17 2.04
C TRP A 674 -37.61 0.34 2.49
N GLN A 675 -38.55 0.10 1.58
CA GLN A 675 -39.95 0.30 1.90
C GLN A 675 -40.40 -0.67 2.98
N ALA A 676 -40.00 -1.94 2.84
CA ALA A 676 -40.34 -2.97 3.82
C ALA A 676 -39.81 -2.61 5.22
N GLY A 677 -38.66 -1.93 5.25
CA GLY A 677 -37.96 -1.66 6.49
C GLY A 677 -38.50 -0.45 7.27
N GLN A 678 -39.38 0.34 6.66
CA GLN A 678 -39.85 1.56 7.33
C GLN A 678 -40.42 1.34 8.74
N PRO A 679 -41.34 0.38 8.95
CA PRO A 679 -41.88 0.14 10.30
C PRO A 679 -40.85 -0.41 11.29
N PHE A 680 -39.71 -0.88 10.77
CA PHE A 680 -38.62 -1.41 11.61
C PHE A 680 -37.50 -0.41 11.82
N GLY A 681 -37.64 0.78 11.28
CA GLY A 681 -36.63 1.81 11.50
C GLY A 681 -35.35 1.55 10.73
N VAL A 682 -35.47 0.94 9.55
CA VAL A 682 -34.29 0.65 8.73
C VAL A 682 -33.53 1.95 8.40
N ILE A 683 -32.21 1.83 8.37
CA ILE A 683 -31.32 2.91 7.93
C ILE A 683 -30.35 2.38 6.88
N ALA A 684 -29.83 3.31 6.11
CA ALA A 684 -28.60 3.09 5.35
C ALA A 684 -27.44 3.30 6.30
N ALA A 685 -26.42 2.45 6.22
CA ALA A 685 -25.27 2.58 7.14
C ALA A 685 -23.98 2.49 6.33
N GLY A 686 -23.01 3.30 6.76
CA GLY A 686 -21.78 3.53 6.01
C GLY A 686 -20.55 2.86 6.63
N ARG A 687 -19.40 3.10 5.98
CA ARG A 687 -18.18 2.37 6.26
C ARG A 687 -17.62 2.70 7.66
N ALA A 688 -17.88 3.90 8.19
CA ALA A 688 -17.31 4.21 9.53
C ALA A 688 -17.90 3.27 10.60
N ALA A 689 -19.23 3.13 10.62
CA ALA A 689 -19.87 2.20 11.54
C ALA A 689 -19.45 0.76 11.24
N PHE A 690 -19.38 0.42 9.95
CA PHE A 690 -19.04 -0.93 9.56
C PHE A 690 -17.68 -1.30 10.15
N SER A 691 -16.70 -0.41 10.00
CA SER A 691 -15.35 -0.68 10.45
C SER A 691 -15.25 -0.83 11.97
N SER A 692 -16.01 -0.02 12.70
CA SER A 692 -16.08 -0.11 14.15
C SER A 692 -16.71 -1.46 14.58
N LEU A 693 -17.82 -1.83 13.96
CA LEU A 693 -18.55 -3.03 14.34
C LEU A 693 -17.72 -4.29 14.05
N ARG A 694 -16.98 -4.30 12.94
CA ARG A 694 -16.20 -5.48 12.55
C ARG A 694 -15.02 -5.62 13.50
N LEU A 695 -14.50 -4.48 13.98
CA LEU A 695 -13.45 -4.52 15.00
C LEU A 695 -13.94 -5.06 16.31
N GLU A 696 -15.16 -4.69 16.68
CA GLU A 696 -15.80 -5.23 17.88
C GLU A 696 -16.00 -6.75 17.77
N LYS A 697 -16.07 -7.26 16.52
CA LYS A 697 -16.15 -8.71 16.31
C LYS A 697 -14.78 -9.40 16.21
N GLY A 698 -13.68 -8.63 16.14
CA GLY A 698 -12.35 -9.25 15.94
C GLY A 698 -12.10 -9.81 14.56
N TYR A 699 -12.86 -9.32 13.57
CA TYR A 699 -12.69 -9.80 12.22
C TYR A 699 -11.51 -9.09 11.57
N ARG A 700 -10.59 -9.87 11.02
CA ARG A 700 -9.33 -9.30 10.53
C ARG A 700 -9.46 -8.65 9.17
N SER A 701 -8.68 -7.59 8.94
CA SER A 701 -8.68 -6.90 7.64
C SER A 701 -7.35 -7.17 6.93
N TRP A 702 -7.38 -7.90 5.81
CA TRP A 702 -6.13 -8.20 5.12
C TRP A 702 -5.39 -6.92 4.69
N GLY A 703 -4.07 -6.91 4.88
CA GLY A 703 -3.22 -5.81 4.43
C GLY A 703 -2.76 -4.95 5.59
N THR A 704 -3.50 -5.04 6.71
CA THR A 704 -3.11 -4.35 7.94
C THR A 704 -3.02 -5.32 9.11
N ASP A 705 -4.13 -5.98 9.42
CA ASP A 705 -4.11 -6.95 10.51
C ASP A 705 -3.27 -8.20 10.20
N MET A 706 -3.13 -8.55 8.92
CA MET A 706 -2.20 -9.61 8.51
C MET A 706 -1.77 -9.36 7.07
N THR A 707 -0.52 -9.71 6.77
CA THR A 707 0.00 -9.69 5.40
C THR A 707 0.75 -10.99 5.17
N THR A 708 1.49 -11.06 4.06
CA THR A 708 2.28 -12.28 3.83
C THR A 708 3.41 -12.41 4.82
N GLU A 709 3.65 -11.39 5.62
CA GLU A 709 4.66 -11.49 6.67
C GLU A 709 4.15 -12.33 7.87
N HIS A 710 2.85 -12.62 7.92
CA HIS A 710 2.26 -13.34 9.05
C HIS A 710 1.75 -14.67 8.63
N ASP A 711 1.90 -15.67 9.51
CA ASP A 711 1.21 -16.92 9.20
C ASP A 711 -0.19 -16.92 9.85
N PRO A 712 -1.05 -17.87 9.49
CA PRO A 712 -2.41 -17.85 10.04
C PRO A 712 -2.43 -17.95 11.54
N PHE A 713 -1.48 -18.66 12.14
CA PHE A 713 -1.54 -18.86 13.60
C PHE A 713 -1.18 -17.59 14.35
N GLU A 714 -0.17 -16.87 13.87
CA GLU A 714 0.15 -15.57 14.43
C GLU A 714 -1.06 -14.63 14.34
N ALA A 715 -1.77 -14.70 13.21
CA ALA A 715 -2.93 -13.80 13.01
C ALA A 715 -4.18 -14.20 13.78
N GLY A 716 -4.15 -15.35 14.46
CA GLY A 716 -5.36 -15.84 15.12
C GLY A 716 -6.41 -16.43 14.16
N LEU A 717 -5.96 -16.92 13.01
CA LEU A 717 -6.87 -17.46 11.98
C LEU A 717 -6.60 -18.96 11.79
N GLY A 718 -6.06 -19.61 12.82
CA GLY A 718 -5.80 -21.06 12.74
C GLY A 718 -7.03 -21.88 12.36
N PHE A 719 -8.17 -21.45 12.87
CA PHE A 719 -9.46 -22.12 12.62
C PHE A 719 -9.76 -22.26 11.13
N ALA A 720 -9.15 -21.38 10.32
CA ALA A 720 -9.42 -21.35 8.89
C ALA A 720 -8.51 -22.22 8.06
N VAL A 721 -7.58 -22.90 8.72
CA VAL A 721 -6.62 -23.75 8.00
C VAL A 721 -6.93 -25.23 8.32
N LYS A 722 -7.27 -26.00 7.30
CA LYS A 722 -7.57 -27.43 7.49
C LYS A 722 -6.31 -28.27 7.24
N MET A 723 -5.53 -28.47 8.29
CA MET A 723 -4.23 -29.12 8.16
C MET A 723 -4.37 -30.58 7.71
N ALA A 724 -5.55 -31.16 7.89
CA ALA A 724 -5.82 -32.52 7.39
C ALA A 724 -5.96 -32.65 5.88
N LYS A 725 -6.14 -31.52 5.15
CA LYS A 725 -6.17 -31.59 3.66
C LYS A 725 -4.92 -32.26 3.12
N GLU A 726 -5.09 -33.03 2.04
CA GLU A 726 -3.94 -33.71 1.42
C GLU A 726 -2.89 -32.72 0.91
N SER A 727 -3.35 -31.63 0.31
CA SER A 727 -2.44 -30.72 -0.37
C SER A 727 -3.05 -29.33 -0.36
N PHE A 728 -2.21 -28.32 -0.13
CA PHE A 728 -2.55 -26.94 -0.48
C PHE A 728 -1.31 -26.09 -0.35
N ILE A 729 -1.28 -24.96 -1.06
CA ILE A 729 -0.12 -24.09 -1.01
C ILE A 729 0.10 -23.60 0.43
N GLY A 730 1.32 -23.80 0.93
CA GLY A 730 1.68 -23.43 2.28
C GLY A 730 1.58 -24.52 3.32
N LYS A 731 0.97 -25.66 2.97
CA LYS A 731 0.74 -26.67 4.00
C LYS A 731 2.06 -27.11 4.66
N GLY A 732 3.07 -27.43 3.83
CA GLY A 732 4.33 -27.93 4.36
C GLY A 732 4.98 -26.94 5.33
N ALA A 733 4.93 -25.65 4.97
CA ALA A 733 5.49 -24.61 5.85
C ALA A 733 4.83 -24.52 7.21
N LEU A 734 3.54 -24.82 7.28
CA LEU A 734 2.78 -24.67 8.52
C LEU A 734 2.85 -25.90 9.43
N GLU A 735 3.53 -26.96 9.01
CA GLU A 735 3.53 -28.16 9.84
C GLU A 735 4.04 -27.90 11.25
N GLY A 736 3.29 -28.39 12.23
CA GLY A 736 3.68 -28.24 13.61
C GLY A 736 3.37 -26.90 14.27
N ARG A 737 2.92 -25.91 13.50
CA ARG A 737 2.73 -24.57 14.06
C ARG A 737 1.39 -24.48 14.78
N THR A 738 1.33 -23.67 15.83
CA THR A 738 0.09 -23.41 16.59
C THR A 738 -0.03 -21.97 16.99
N GLU A 739 -1.24 -21.54 17.32
CA GLU A 739 -1.45 -20.19 17.86
C GLU A 739 -0.72 -20.02 19.20
N GLU A 740 -0.87 -20.99 20.09
CA GLU A 740 -0.29 -20.89 21.44
C GLU A 740 1.23 -20.78 21.47
N ALA A 741 1.89 -21.40 20.50
CA ALA A 741 3.36 -21.41 20.43
C ALA A 741 3.94 -20.33 19.52
N SER A 742 3.07 -19.52 18.93
CA SER A 742 3.52 -18.44 18.02
C SER A 742 4.30 -17.38 18.80
N ALA A 743 5.48 -17.02 18.31
CA ALA A 743 6.32 -16.00 18.96
C ALA A 743 5.69 -14.59 18.92
N ARG A 744 4.86 -14.33 17.91
CA ARG A 744 4.15 -13.06 17.80
C ARG A 744 2.70 -13.43 17.60
N ARG A 745 1.79 -12.69 18.24
CA ARG A 745 0.36 -12.98 18.09
C ARG A 745 -0.42 -11.67 17.97
N LEU A 746 -1.41 -11.66 17.09
CA LEU A 746 -2.27 -10.48 16.93
C LEU A 746 -3.20 -10.34 18.14
N ARG A 747 -3.18 -9.18 18.79
CA ARG A 747 -3.93 -8.95 20.02
C ARG A 747 -4.84 -7.75 19.92
N CYS A 748 -5.95 -7.87 20.64
CA CYS A 748 -6.93 -6.81 20.77
C CYS A 748 -6.57 -5.93 21.97
N LEU A 749 -6.55 -4.60 21.74
CA LEU A 749 -6.26 -3.64 22.78
C LEU A 749 -7.46 -2.72 22.97
N THR A 750 -7.83 -2.46 24.22
CA THR A 750 -8.82 -1.40 24.48
C THR A 750 -8.15 -0.29 25.25
N ILE A 751 -8.51 0.95 24.90
CA ILE A 751 -7.85 2.14 25.47
C ILE A 751 -8.50 2.50 26.78
N ASP A 752 -7.67 2.55 27.84
CA ASP A 752 -8.20 2.60 29.20
C ASP A 752 -9.01 3.85 29.48
N ASP A 753 -8.60 4.99 28.95
CA ASP A 753 -9.28 6.24 29.32
C ASP A 753 -10.62 6.45 28.60
N GLY A 754 -10.96 5.51 27.73
CA GLY A 754 -12.25 5.55 27.04
C GLY A 754 -12.38 6.63 25.98
N ARG A 755 -11.32 7.36 25.69
CA ARG A 755 -11.46 8.54 24.80
C ARG A 755 -10.32 8.75 23.82
N SER A 756 -9.12 8.28 24.15
CA SER A 756 -7.97 8.59 23.28
C SER A 756 -7.93 7.66 22.09
N ILE A 757 -8.59 8.05 20.99
CA ILE A 757 -8.61 7.23 19.78
C ILE A 757 -7.27 7.26 19.06
N VAL A 758 -6.81 6.07 18.65
CA VAL A 758 -5.65 5.95 17.75
C VAL A 758 -6.14 5.49 16.37
N LEU A 759 -5.29 5.64 15.36
CA LEU A 759 -5.73 5.51 13.96
C LEU A 759 -5.06 4.42 13.13
N GLY A 760 -3.87 4.02 13.54
CA GLY A 760 -3.07 3.07 12.82
C GLY A 760 -1.63 3.55 12.70
N LYS A 761 -0.74 2.56 12.80
CA LYS A 761 0.73 2.70 12.72
C LYS A 761 1.39 3.22 13.99
N GLU A 762 0.61 3.65 15.00
CA GLU A 762 1.23 4.09 16.26
C GLU A 762 2.01 2.94 16.92
N PRO A 763 3.20 3.23 17.44
CA PRO A 763 3.98 2.17 18.09
C PRO A 763 3.37 1.78 19.43
N VAL A 764 3.55 0.50 19.76
CA VAL A 764 3.03 -0.11 20.98
C VAL A 764 4.23 -0.59 21.85
N PHE A 765 4.20 -0.21 23.12
CA PHE A 765 5.30 -0.45 24.04
C PHE A 765 4.86 -1.38 25.15
N TYR A 766 5.75 -2.32 25.53
CA TYR A 766 5.49 -3.15 26.70
C TYR A 766 6.72 -2.97 27.57
N LYS A 767 6.49 -2.60 28.83
CA LYS A 767 7.56 -2.28 29.80
C LYS A 767 8.61 -1.36 29.14
N GLU A 768 8.12 -0.28 28.52
CA GLU A 768 8.92 0.73 27.83
C GLU A 768 9.73 0.31 26.58
N GLN A 769 9.49 -0.90 26.08
CA GLN A 769 10.16 -1.36 24.88
C GLN A 769 9.18 -1.37 23.71
N ALA A 770 9.58 -0.86 22.54
CA ALA A 770 8.70 -0.97 21.38
C ALA A 770 8.57 -2.43 20.98
N VAL A 771 7.35 -2.98 20.97
CA VAL A 771 7.14 -4.38 20.68
C VAL A 771 6.04 -4.67 19.64
N GLY A 772 5.36 -3.61 19.17
CA GLY A 772 4.33 -3.79 18.13
C GLY A 772 3.91 -2.43 17.58
N TYR A 773 2.82 -2.39 16.80
CA TYR A 773 2.31 -1.16 16.24
C TYR A 773 0.86 -1.40 15.89
N VAL A 774 0.06 -0.35 15.91
CA VAL A 774 -1.36 -0.50 15.62
C VAL A 774 -1.62 -0.87 14.17
N THR A 775 -2.32 -1.98 13.99
CA THR A 775 -2.68 -2.40 12.63
C THR A 775 -3.98 -1.77 12.16
N SER A 776 -5.05 -1.98 12.92
CA SER A 776 -6.41 -1.48 12.67
C SER A 776 -6.88 -0.83 13.93
N ALA A 777 -7.79 0.14 13.80
CA ALA A 777 -8.28 0.79 15.01
C ALA A 777 -9.61 1.45 14.69
N ALA A 778 -10.40 1.66 15.74
CA ALA A 778 -11.68 2.38 15.62
C ALA A 778 -12.21 2.68 17.00
N TYR A 779 -13.12 3.64 17.14
CA TYR A 779 -13.88 3.70 18.37
C TYR A 779 -14.96 2.63 18.36
N GLY A 780 -15.06 1.83 19.45
CA GLY A 780 -16.06 0.76 19.52
C GLY A 780 -17.32 1.36 20.12
N TYR A 781 -18.38 1.56 19.33
CA TYR A 781 -19.58 2.20 19.89
C TYR A 781 -20.38 1.34 20.87
N THR A 782 -20.33 0.02 20.70
CA THR A 782 -21.05 -0.89 21.57
C THR A 782 -20.30 -1.01 22.89
N VAL A 783 -19.00 -1.11 22.82
CA VAL A 783 -18.19 -1.25 24.03
C VAL A 783 -17.82 0.09 24.67
N ALA A 784 -18.12 1.16 23.95
CA ALA A 784 -17.85 2.53 24.39
C ALA A 784 -16.41 2.75 24.79
N LYS A 785 -15.50 2.36 23.91
CA LYS A 785 -14.09 2.73 24.11
C LYS A 785 -13.32 2.58 22.82
N PRO A 786 -12.17 3.23 22.70
CA PRO A 786 -11.33 3.02 21.51
C PRO A 786 -10.74 1.60 21.52
N ILE A 787 -10.61 1.02 20.33
CA ILE A 787 -10.07 -0.32 20.12
C ILE A 787 -8.88 -0.15 19.18
N ALA A 788 -7.87 -0.98 19.35
CA ALA A 788 -6.71 -1.02 18.47
C ALA A 788 -6.21 -2.45 18.47
N TYR A 789 -5.76 -2.93 17.30
CA TYR A 789 -5.08 -4.23 17.24
C TYR A 789 -3.59 -4.04 17.06
N SER A 790 -2.78 -5.00 17.55
CA SER A 790 -1.34 -4.96 17.37
C SER A 790 -0.82 -6.37 17.52
N TYR A 791 0.20 -6.74 16.74
CA TYR A 791 0.98 -7.95 17.10
C TYR A 791 1.78 -7.64 18.36
N LEU A 792 1.93 -8.67 19.20
CA LEU A 792 2.69 -8.53 20.45
C LEU A 792 3.44 -9.84 20.64
N PRO A 793 4.57 -9.78 21.34
CA PRO A 793 5.31 -11.01 21.66
C PRO A 793 4.37 -11.97 22.37
N GLY A 794 4.59 -13.26 22.16
CA GLY A 794 3.72 -14.31 22.68
C GLY A 794 3.69 -14.33 24.20
N THR A 795 4.76 -13.82 24.82
CA THR A 795 4.84 -13.73 26.28
C THR A 795 3.93 -12.67 26.88
N VAL A 796 3.43 -11.73 26.07
CA VAL A 796 2.47 -10.75 26.56
C VAL A 796 1.11 -11.42 26.56
N SER A 797 0.38 -11.28 27.65
CA SER A 797 -0.85 -12.03 27.87
C SER A 797 -2.07 -11.13 27.89
N VAL A 798 -3.24 -11.72 27.66
CA VAL A 798 -4.51 -11.07 27.94
C VAL A 798 -4.49 -10.55 29.40
N GLY A 799 -4.96 -9.31 29.59
CA GLY A 799 -4.94 -8.64 30.88
C GLY A 799 -3.71 -7.75 31.13
N ASP A 800 -2.67 -7.91 30.31
CA ASP A 800 -1.45 -7.08 30.45
C ASP A 800 -1.73 -5.68 29.92
N SER A 801 -0.94 -4.72 30.39
CA SER A 801 -1.05 -3.34 29.98
C SER A 801 0.06 -2.98 28.99
N VAL A 802 -0.27 -2.17 27.97
CA VAL A 802 0.72 -1.70 27.01
C VAL A 802 0.45 -0.22 26.80
N ASP A 803 1.41 0.51 26.25
CA ASP A 803 1.21 1.91 25.93
C ASP A 803 1.24 2.06 24.43
N ILE A 804 0.30 2.85 23.89
CA ILE A 804 0.35 3.19 22.45
C ILE A 804 0.75 4.67 22.33
N GLU A 805 1.73 5.02 21.50
CA GLU A 805 2.16 6.43 21.43
C GLU A 805 1.41 7.13 20.29
N TYR A 806 0.73 8.21 20.63
CA TYR A 806 -0.08 8.98 19.68
C TYR A 806 0.36 10.43 19.79
N PHE A 807 0.92 10.92 18.69
CA PHE A 807 1.44 12.30 18.66
C PHE A 807 2.33 12.58 19.87
N GLY A 808 3.21 11.62 20.12
CA GLY A 808 4.20 11.75 21.20
C GLY A 808 3.72 11.46 22.61
N ARG A 809 2.42 11.20 22.81
CA ARG A 809 1.86 10.90 24.14
C ARG A 809 1.53 9.43 24.32
N ARG A 810 1.92 8.87 25.46
CA ARG A 810 1.67 7.44 25.73
C ARG A 810 0.27 7.22 26.29
N ILE A 811 -0.50 6.39 25.59
CA ILE A 811 -1.87 6.08 25.99
C ILE A 811 -1.90 4.65 26.55
N THR A 812 -2.40 4.47 27.78
CA THR A 812 -2.43 3.13 28.35
C THR A 812 -3.60 2.33 27.78
N ALA A 813 -3.31 1.09 27.43
CA ALA A 813 -4.28 0.17 26.87
C ALA A 813 -4.14 -1.20 27.52
N THR A 814 -5.19 -2.00 27.43
CA THR A 814 -5.20 -3.35 28.01
C THR A 814 -5.42 -4.40 26.94
N VAL A 815 -4.62 -5.46 26.98
CA VAL A 815 -4.78 -6.60 26.10
C VAL A 815 -6.04 -7.32 26.53
N THR A 816 -6.99 -7.45 25.60
CA THR A 816 -8.36 -7.89 25.96
C THR A 816 -8.76 -9.07 25.08
N GLU A 817 -9.53 -10.01 25.61
CA GLU A 817 -9.98 -11.17 24.86
C GLU A 817 -10.89 -10.71 23.74
N ASP A 818 -10.73 -11.26 22.54
CA ASP A 818 -11.72 -10.97 21.49
C ASP A 818 -12.57 -12.18 21.12
N PRO A 819 -13.73 -12.01 20.48
CA PRO A 819 -14.32 -10.69 20.15
C PRO A 819 -14.75 -9.94 21.40
N LEU A 820 -14.72 -8.60 21.33
CA LEU A 820 -15.20 -7.75 22.38
C LEU A 820 -16.72 -7.85 22.49
N TYR A 821 -17.37 -8.10 21.35
CA TYR A 821 -18.82 -8.16 21.35
C TYR A 821 -19.33 -9.56 20.99
N ASP A 822 -20.25 -10.04 21.83
CA ASP A 822 -21.01 -11.26 21.62
C ASP A 822 -20.11 -12.46 21.32
N PRO A 823 -19.20 -12.80 22.25
CA PRO A 823 -18.28 -13.89 21.96
C PRO A 823 -19.02 -15.24 21.83
N LYS A 824 -20.24 -15.35 22.35
CA LYS A 824 -20.94 -16.62 22.18
C LYS A 824 -21.80 -16.68 20.91
N MET A 825 -21.69 -15.62 20.09
CA MET A 825 -22.29 -15.62 18.74
C MET A 825 -23.79 -15.78 18.80
N THR A 826 -24.39 -15.33 19.91
CA THR A 826 -25.85 -15.40 20.09
C THR A 826 -26.60 -14.61 19.02
N ARG A 827 -26.00 -13.52 18.54
CA ARG A 827 -26.67 -12.74 17.52
C ARG A 827 -26.61 -13.37 16.15
N LEU A 828 -25.66 -14.27 15.96
CA LEU A 828 -25.38 -14.80 14.62
C LEU A 828 -26.08 -16.12 14.37
N ARG A 829 -26.27 -16.87 15.46
CA ARG A 829 -26.71 -18.25 15.40
C ARG A 829 -28.17 -18.48 15.54
N GLY A 830 -28.51 -19.66 15.06
CA GLY A 830 -29.80 -20.29 15.22
C GLY A 830 -30.85 -19.52 14.48
NA NA B . 3.55 21.11 -2.86
N1 FOL C . -17.98 -11.43 5.19
C2 FOL C . -17.29 -11.34 3.99
NA2 FOL C . -17.90 -10.94 2.88
N3 FOL C . -15.96 -11.63 3.92
C4 FOL C . -15.26 -11.99 5.05
O4 FOL C . -14.01 -12.08 4.97
C4A FOL C . -15.93 -12.11 6.25
N5 FOL C . -15.26 -12.50 7.37
C6 FOL C . -15.96 -12.58 8.56
C7 FOL C . -17.32 -12.30 8.63
N8 FOL C . -18.01 -11.91 7.49
C8A FOL C . -17.31 -11.83 6.32
C9 FOL C . -15.21 -12.92 9.81
N10 FOL C . -14.78 -14.30 9.78
C11 FOL C . -16.86 -17.65 10.79
C12 FOL C . -17.46 -16.41 11.09
C13 FOL C . -16.83 -15.25 10.66
C14 FOL C . -15.61 -15.34 9.96
C15 FOL C . -15.06 -16.57 9.69
C16 FOL C . -15.65 -17.73 10.10
C FOL C . -17.46 -18.92 11.24
O FOL C . -18.43 -18.88 12.24
N FOL C . -17.05 -20.07 10.76
CA FOL C . -17.60 -21.22 11.47
CB FOL C . -18.89 -21.52 10.73
CG FOL C . -18.64 -22.34 9.51
CD FOL C . -19.92 -23.08 9.25
OE1 FOL C . -20.93 -23.17 10.22
OE2 FOL C . -20.08 -23.64 8.07
CT FOL C . -16.72 -22.41 11.66
O1 FOL C . -15.45 -22.52 11.02
O2 FOL C . -17.12 -23.39 12.44
PA FAD D . 17.04 5.12 -13.78
O1A FAD D . 18.26 5.63 -13.03
O2A FAD D . 16.29 6.15 -14.54
O5B FAD D . 17.56 3.96 -14.78
C5B FAD D . 16.70 3.42 -15.78
C4B FAD D . 17.61 3.08 -16.96
O4B FAD D . 16.80 2.46 -17.94
C3B FAD D . 18.27 4.30 -17.60
O3B FAD D . 19.69 4.33 -17.38
C2B FAD D . 17.86 4.15 -19.08
O2B FAD D . 18.86 4.56 -20.01
C1B FAD D . 17.43 2.69 -19.18
N9A FAD D . 16.48 2.48 -20.26
C8A FAD D . 15.22 3.05 -20.38
N7A FAD D . 14.66 2.61 -21.52
C5A FAD D . 15.55 1.78 -22.14
C6A FAD D . 15.51 1.07 -23.35
N6A FAD D . 14.45 1.10 -24.15
N1A FAD D . 16.60 0.29 -23.67
C2A FAD D . 17.72 0.25 -22.87
N3A FAD D . 17.79 0.94 -21.70
C4A FAD D . 16.69 1.71 -21.35
N1 FAD D . 15.76 9.82 -4.80
C2 FAD D . 16.04 9.77 -3.45
O2 FAD D . 15.85 8.72 -2.81
N3 FAD D . 16.55 10.86 -2.80
C4 FAD D . 16.73 12.08 -3.41
O4 FAD D . 17.46 12.92 -2.84
C4X FAD D . 16.40 12.16 -4.75
N5 FAD D . 16.52 13.38 -5.42
C5X FAD D . 16.25 13.44 -6.75
C6 FAD D . 16.41 14.65 -7.42
C7 FAD D . 16.16 14.78 -8.76
C7M FAD D . 16.21 16.14 -9.42
C8 FAD D . 15.76 13.64 -9.45
C8M FAD D . 15.59 13.68 -10.95
C9 FAD D . 15.59 12.43 -8.79
C9A FAD D . 15.81 12.31 -7.45
N10 FAD D . 15.60 11.12 -6.79
C10 FAD D . 15.92 11.04 -5.45
C1' FAD D . 14.90 9.95 -7.41
C2' FAD D . 15.90 8.92 -7.96
O2' FAD D . 16.84 9.57 -8.79
C3' FAD D . 15.16 7.91 -8.83
O3' FAD D . 13.95 7.51 -8.19
C4' FAD D . 16.08 6.69 -9.01
O4' FAD D . 17.36 7.10 -9.48
C5' FAD D . 15.45 5.80 -10.08
O5' FAD D . 16.36 4.73 -10.36
P FAD D . 16.08 3.62 -11.45
O1P FAD D . 17.26 2.63 -11.45
O2P FAD D . 14.72 3.04 -11.22
O3P FAD D . 15.99 4.44 -12.84
#